data_6DJZ
#
_entry.id   6DJZ
#
_cell.length_a   85.556
_cell.length_b   126.062
_cell.length_c   109.702
_cell.angle_alpha   90.00
_cell.angle_beta   90.00
_cell.angle_gamma   90.00
#
_symmetry.space_group_name_H-M   'P 21 21 2'
#
loop_
_entity.id
_entity.type
_entity.pdbx_description
1 polymer 'Sigma non-opioid intracellular receptor 1'
2 non-polymer 4-[4-(4-chlorophenyl)-4-hydroxypiperidin-1-yl]-1-(4-fluorophenyl)butan-1-one
3 non-polymer 'SULFATE ION'
4 non-polymer GLYCEROL
5 non-polymer '(2R)-2,3-dihydroxypropyl (9Z)-octadec-9-enoate'
6 water water
#
_entity_poly.entity_id   1
_entity_poly.type   'polypeptide(L)'
_entity_poly.pdbx_seq_one_letter_code
;GPGSMQWAVGRRWAWAALLLAVAAVLTQVVWLWLGTQSFVFQREEIAQLARQYAGLDHELAFSRLIVELRRLHPGHVLPD
EELQWVFVNAGGWMGAMCLLHASLSEYVLLFGTALGSRGHSGRYWAEISDTIISGTFHQWREGTTKSEVFYPGETVVHGP
GEATAVEWGPNTWMVEYGRGVIPSTLAFALADTVFSTQDFLTLFYTLRSYARGLRLELTTYLFGQDP
;
_entity_poly.pdbx_strand_id   A,B,C
#
loop_
_chem_comp.id
_chem_comp.type
_chem_comp.name
_chem_comp.formula
GMJ non-polymer 4-[4-(4-chlorophenyl)-4-hydroxypiperidin-1-yl]-1-(4-fluorophenyl)butan-1-one 'C21 H23 Cl F N O2'
GOL non-polymer GLYCEROL 'C3 H8 O3'
OLC non-polymer '(2R)-2,3-dihydroxypropyl (9Z)-octadec-9-enoate' 'C21 H40 O4'
SO4 non-polymer 'SULFATE ION' 'O4 S -2'
#
# COMPACT_ATOMS: atom_id res chain seq x y z
N ARG A 12 25.73 14.11 47.26
CA ARG A 12 25.37 13.47 46.00
C ARG A 12 25.10 14.50 44.91
N TRP A 13 25.16 15.78 45.29
CA TRP A 13 24.94 16.85 44.32
C TRP A 13 26.09 16.94 43.33
N ALA A 14 27.31 16.61 43.75
CA ALA A 14 28.46 16.62 42.86
C ALA A 14 28.51 15.41 41.93
N TRP A 15 27.73 14.36 42.23
CA TRP A 15 27.67 13.21 41.34
C TRP A 15 27.08 13.60 39.99
N ALA A 16 26.06 14.46 39.99
CA ALA A 16 25.48 14.95 38.74
C ALA A 16 26.49 15.80 37.97
N ALA A 17 27.27 16.61 38.69
CA ALA A 17 28.31 17.40 38.03
C ALA A 17 29.35 16.52 37.38
N LEU A 18 29.77 15.46 38.08
CA LEU A 18 30.74 14.53 37.50
C LEU A 18 30.17 13.79 36.30
N LEU A 19 28.90 13.37 36.39
CA LEU A 19 28.25 12.69 35.28
C LEU A 19 28.18 13.59 34.06
N LEU A 20 27.75 14.84 34.24
CA LEU A 20 27.66 15.77 33.11
C LEU A 20 29.04 16.16 32.60
N ALA A 21 30.07 16.16 33.46
CA ALA A 21 31.42 16.44 32.99
C ALA A 21 31.92 15.32 32.08
N VAL A 22 31.79 14.07 32.54
CA VAL A 22 32.16 12.94 31.68
C VAL A 22 31.36 12.95 30.40
N ALA A 23 30.07 13.28 30.47
CA ALA A 23 29.23 13.34 29.29
C ALA A 23 29.70 14.43 28.33
N ALA A 24 30.09 15.59 28.87
CA ALA A 24 30.55 16.69 28.02
C ALA A 24 31.86 16.33 27.32
N VAL A 25 32.78 15.68 28.03
CA VAL A 25 34.04 15.28 27.40
C VAL A 25 33.76 14.23 26.33
N LEU A 26 32.87 13.27 26.61
CA LEU A 26 32.55 12.25 25.61
C LEU A 26 31.89 12.85 24.38
N THR A 27 30.98 13.82 24.58
CA THR A 27 30.32 14.47 23.46
C THR A 27 31.31 15.31 22.65
N GLN A 28 32.28 15.94 23.33
CA GLN A 28 33.31 16.67 22.61
C GLN A 28 34.16 15.73 21.76
N VAL A 29 34.49 14.55 22.30
CA VAL A 29 35.19 13.54 21.53
C VAL A 29 34.39 13.14 20.31
N VAL A 30 33.10 12.87 20.51
CA VAL A 30 32.23 12.45 19.40
C VAL A 30 32.14 13.54 18.35
N TRP A 31 32.05 14.80 18.77
CA TRP A 31 31.97 15.91 17.83
C TRP A 31 33.26 16.03 17.02
N LEU A 32 34.41 15.98 17.69
CA LEU A 32 35.68 16.07 16.99
C LEU A 32 35.85 14.92 16.01
N TRP A 33 35.38 13.72 16.39
CA TRP A 33 35.53 12.57 15.51
C TRP A 33 34.62 12.68 14.30
N LEU A 34 33.36 13.10 14.51
CA LEU A 34 32.44 13.30 13.40
C LEU A 34 32.92 14.39 12.47
N GLY A 35 33.66 15.37 12.99
CA GLY A 35 34.15 16.45 12.16
C GLY A 35 35.32 16.06 11.29
N THR A 36 36.24 15.26 11.84
CA THR A 36 37.47 14.90 11.16
C THR A 36 37.37 13.58 10.40
N GLN A 37 36.16 13.10 10.14
CA GLN A 37 35.99 11.85 9.41
C GLN A 37 35.96 12.12 7.92
N SER A 38 36.67 11.28 7.16
CA SER A 38 36.64 11.32 5.71
C SER A 38 35.70 10.24 5.19
N PHE A 39 35.46 10.29 3.88
CA PHE A 39 34.54 9.37 3.23
C PHE A 39 35.31 8.34 2.41
N VAL A 40 34.81 7.10 2.41
CA VAL A 40 35.47 6.04 1.68
C VAL A 40 35.33 6.25 0.18
N PHE A 41 34.15 6.65 -0.27
CA PHE A 41 33.84 6.76 -1.69
C PHE A 41 33.59 8.20 -2.08
N GLN A 42 33.70 8.45 -3.38
CA GLN A 42 33.33 9.71 -4.00
C GLN A 42 32.14 9.49 -4.93
N ARG A 43 31.26 10.48 -5.02
CA ARG A 43 30.08 10.33 -5.87
C ARG A 43 30.47 10.08 -7.32
N GLU A 44 31.44 10.84 -7.83
CA GLU A 44 31.87 10.65 -9.20
C GLU A 44 32.51 9.28 -9.41
N GLU A 45 33.20 8.75 -8.39
CA GLU A 45 33.80 7.43 -8.51
C GLU A 45 32.74 6.36 -8.76
N ILE A 46 31.72 6.32 -7.89
CA ILE A 46 30.64 5.35 -8.06
C ILE A 46 29.91 5.57 -9.38
N ALA A 47 29.67 6.84 -9.73
CA ALA A 47 28.96 7.14 -10.96
C ALA A 47 29.73 6.63 -12.18
N GLN A 48 31.04 6.85 -12.22
CA GLN A 48 31.84 6.39 -13.35
C GLN A 48 31.92 4.87 -13.40
N LEU A 49 32.11 4.24 -12.23
CA LEU A 49 32.16 2.77 -12.22
C LEU A 49 30.86 2.17 -12.71
N ALA A 50 29.72 2.79 -12.37
CA ALA A 50 28.45 2.28 -12.86
C ALA A 50 28.22 2.60 -14.33
N ARG A 51 28.72 3.75 -14.80
CA ARG A 51 28.52 4.11 -16.20
C ARG A 51 29.35 3.25 -17.13
N GLN A 52 30.55 2.83 -16.69
CA GLN A 52 31.38 1.98 -17.53
C GLN A 52 30.70 0.65 -17.85
N TYR A 53 29.89 0.15 -16.93
CA TYR A 53 29.30 -1.18 -17.06
C TYR A 53 27.84 -1.14 -17.51
N ALA A 54 27.32 0.03 -17.86
CA ALA A 54 25.92 0.15 -18.23
C ALA A 54 25.60 -0.62 -19.51
N GLY A 55 26.59 -0.81 -20.38
CA GLY A 55 26.35 -1.52 -21.63
C GLY A 55 26.20 -3.02 -21.46
N LEU A 56 26.72 -3.58 -20.38
CA LEU A 56 26.65 -5.01 -20.13
C LEU A 56 25.29 -5.39 -19.55
N ASP A 57 25.00 -6.69 -19.57
CA ASP A 57 23.82 -7.17 -18.88
C ASP A 57 23.97 -6.94 -17.38
N HIS A 58 22.84 -6.69 -16.71
CA HIS A 58 22.90 -6.20 -15.34
C HIS A 58 23.58 -7.19 -14.40
N GLU A 59 23.45 -8.50 -14.66
CA GLU A 59 24.13 -9.50 -13.84
C GLU A 59 25.65 -9.31 -13.91
N LEU A 60 26.19 -9.36 -15.13
CA LEU A 60 27.63 -9.21 -15.31
C LEU A 60 28.11 -7.82 -14.90
N ALA A 61 27.29 -6.79 -15.10
CA ALA A 61 27.66 -5.46 -14.67
C ALA A 61 27.77 -5.37 -13.15
N PHE A 62 26.80 -5.94 -12.43
CA PHE A 62 26.89 -6.02 -10.98
C PHE A 62 28.15 -6.75 -10.55
N SER A 63 28.44 -7.90 -11.18
CA SER A 63 29.61 -8.68 -10.79
C SER A 63 30.90 -7.88 -10.98
N ARG A 64 31.05 -7.28 -12.17
CA ARG A 64 32.24 -6.49 -12.46
C ARG A 64 32.38 -5.31 -11.51
N LEU A 65 31.27 -4.61 -11.24
CA LEU A 65 31.33 -3.45 -10.36
C LEU A 65 31.69 -3.85 -8.94
N ILE A 66 31.17 -4.99 -8.46
CA ILE A 66 31.50 -5.45 -7.11
C ILE A 66 32.97 -5.81 -7.04
N VAL A 67 33.50 -6.50 -8.05
CA VAL A 67 34.91 -6.84 -8.06
C VAL A 67 35.78 -5.58 -8.05
N GLU A 68 35.40 -4.59 -8.88
CA GLU A 68 36.18 -3.37 -8.97
C GLU A 68 36.13 -2.57 -7.67
N LEU A 69 34.95 -2.49 -7.04
CA LEU A 69 34.86 -1.81 -5.76
C LEU A 69 35.70 -2.51 -4.70
N ARG A 70 35.71 -3.85 -4.72
CA ARG A 70 36.52 -4.59 -3.77
C ARG A 70 38.01 -4.31 -3.98
N ARG A 71 38.45 -4.23 -5.23
CA ARG A 71 39.86 -3.96 -5.48
C ARG A 71 40.24 -2.49 -5.27
N LEU A 72 39.30 -1.57 -5.37
CA LEU A 72 39.61 -0.16 -5.17
C LEU A 72 39.55 0.27 -3.70
N HIS A 73 38.77 -0.44 -2.89
CA HIS A 73 38.63 -0.11 -1.47
C HIS A 73 38.50 -1.41 -0.69
N PRO A 74 39.60 -2.10 -0.45
CA PRO A 74 39.53 -3.35 0.31
C PRO A 74 39.15 -3.10 1.75
N GLY A 75 38.35 -4.02 2.31
CA GLY A 75 37.84 -3.88 3.65
C GLY A 75 36.58 -3.05 3.78
N HIS A 76 36.06 -2.50 2.69
CA HIS A 76 34.85 -1.68 2.71
C HIS A 76 33.73 -2.25 1.84
N VAL A 77 33.87 -3.48 1.35
CA VAL A 77 32.86 -4.13 0.55
C VAL A 77 32.58 -5.50 1.17
N LEU A 78 31.31 -5.80 1.39
CA LEU A 78 30.95 -7.06 2.03
C LEU A 78 31.41 -8.25 1.20
N PRO A 79 31.73 -9.37 1.84
CA PRO A 79 32.14 -10.56 1.08
C PRO A 79 30.94 -11.25 0.44
N ASP A 80 31.25 -12.21 -0.44
CA ASP A 80 30.20 -12.91 -1.17
C ASP A 80 29.26 -13.66 -0.24
N GLU A 81 29.76 -14.12 0.91
CA GLU A 81 28.92 -14.85 1.85
C GLU A 81 27.89 -13.95 2.53
N GLU A 82 28.06 -12.63 2.45
CA GLU A 82 27.11 -11.70 3.06
C GLU A 82 26.40 -10.83 2.03
N LEU A 83 26.48 -11.15 0.75
CA LEU A 83 25.72 -10.46 -0.27
C LEU A 83 24.39 -11.18 -0.48
N GLN A 84 23.30 -10.44 -0.38
CA GLN A 84 21.96 -11.03 -0.46
C GLN A 84 21.01 -10.01 -1.06
N TRP A 85 20.23 -10.44 -2.04
CA TRP A 85 19.15 -9.61 -2.56
C TRP A 85 17.99 -9.63 -1.57
N VAL A 86 17.47 -8.45 -1.25
CA VAL A 86 16.35 -8.33 -0.34
C VAL A 86 15.35 -7.33 -0.91
N PHE A 87 14.07 -7.69 -0.91
CA PHE A 87 13.04 -6.79 -1.39
C PHE A 87 12.95 -5.57 -0.49
N VAL A 88 12.39 -4.49 -1.04
CA VAL A 88 12.21 -3.23 -0.34
C VAL A 88 10.88 -2.65 -0.79
N ASN A 89 9.95 -2.51 0.15
CA ASN A 89 8.67 -1.86 -0.11
C ASN A 89 8.64 -0.54 0.64
N ALA A 90 8.52 0.56 -0.10
CA ALA A 90 8.57 1.89 0.50
C ALA A 90 7.89 2.87 -0.44
N GLY A 91 7.21 3.85 0.16
CA GLY A 91 6.51 4.89 -0.59
C GLY A 91 5.57 4.39 -1.67
N GLY A 92 4.97 3.21 -1.47
CA GLY A 92 4.05 2.67 -2.44
C GLY A 92 4.70 1.94 -3.59
N TRP A 93 6.03 1.93 -3.68
CA TRP A 93 6.74 1.17 -4.69
C TRP A 93 7.46 -0.01 -4.05
N MET A 94 7.87 -0.95 -4.91
CA MET A 94 8.56 -2.15 -4.48
C MET A 94 9.71 -2.43 -5.42
N GLY A 95 10.92 -2.52 -4.86
CA GLY A 95 12.08 -2.95 -5.59
C GLY A 95 12.87 -3.98 -4.81
N ALA A 96 14.14 -4.16 -5.17
CA ALA A 96 15.02 -5.06 -4.45
C ALA A 96 16.43 -4.46 -4.46
N MET A 97 17.14 -4.65 -3.37
CA MET A 97 18.48 -4.09 -3.21
C MET A 97 19.45 -5.15 -2.71
N CYS A 98 20.73 -4.91 -3.02
CA CYS A 98 21.84 -5.69 -2.51
C CYS A 98 22.88 -4.71 -1.98
N LEU A 99 23.13 -4.74 -0.67
CA LEU A 99 23.99 -3.78 -0.02
C LEU A 99 25.46 -4.20 -0.15
N LEU A 100 26.30 -3.29 -0.63
CA LEU A 100 27.73 -3.55 -0.75
C LEU A 100 28.54 -2.88 0.36
N HIS A 101 28.18 -1.66 0.73
CA HIS A 101 28.87 -0.90 1.75
C HIS A 101 27.85 -0.11 2.56
N ALA A 102 28.10 0.02 3.85
CA ALA A 102 27.14 0.70 4.72
C ALA A 102 27.84 1.16 5.98
N SER A 103 27.79 2.46 6.25
CA SER A 103 28.31 3.02 7.49
C SER A 103 27.19 3.88 8.07
N LEU A 104 27.53 4.71 9.06
CA LEU A 104 26.60 5.68 9.60
C LEU A 104 26.48 6.91 8.73
N SER A 105 27.37 7.10 7.77
CA SER A 105 27.36 8.27 6.90
C SER A 105 27.37 7.95 5.41
N GLU A 106 27.59 6.70 5.02
CA GLU A 106 27.64 6.32 3.61
C GLU A 106 26.98 4.98 3.39
N TYR A 107 26.49 4.78 2.18
CA TYR A 107 26.05 3.46 1.77
C TYR A 107 26.16 3.33 0.26
N VAL A 108 26.43 2.10 -0.19
CA VAL A 108 26.46 1.75 -1.60
C VAL A 108 25.62 0.50 -1.78
N LEU A 109 24.74 0.51 -2.78
CA LEU A 109 23.89 -0.66 -3.01
C LEU A 109 23.57 -0.77 -4.49
N LEU A 110 23.04 -1.93 -4.85
CA LEU A 110 22.48 -2.17 -6.18
C LEU A 110 20.98 -2.29 -6.02
N PHE A 111 20.23 -1.46 -6.74
CA PHE A 111 18.78 -1.44 -6.62
C PHE A 111 18.13 -1.72 -7.97
N GLY A 112 16.92 -2.24 -7.94
CA GLY A 112 16.17 -2.35 -9.17
C GLY A 112 14.89 -3.15 -9.01
N THR A 113 14.19 -3.27 -10.13
CA THR A 113 12.93 -4.01 -10.19
C THR A 113 12.78 -4.64 -11.56
N ALA A 114 12.41 -5.92 -11.59
CA ALA A 114 12.17 -6.62 -12.84
C ALA A 114 10.77 -6.39 -13.38
N LEU A 115 9.86 -5.84 -12.58
CA LEU A 115 8.50 -5.57 -13.02
C LEU A 115 8.21 -4.09 -13.23
N GLY A 116 9.01 -3.21 -12.64
CA GLY A 116 8.70 -1.79 -12.59
C GLY A 116 7.86 -1.45 -11.37
N SER A 117 7.91 -0.17 -10.99
CA SER A 117 7.18 0.28 -9.81
C SER A 117 7.07 1.79 -9.84
N ARG A 118 6.12 2.31 -9.06
CA ARG A 118 5.89 3.74 -8.97
C ARG A 118 5.60 4.11 -7.53
N GLY A 119 6.05 5.29 -7.13
CA GLY A 119 5.70 5.75 -5.79
C GLY A 119 6.48 6.97 -5.35
N HIS A 120 6.64 7.08 -4.03
CA HIS A 120 7.26 8.24 -3.40
C HIS A 120 8.77 8.02 -3.28
N SER A 121 9.53 9.07 -3.60
CA SER A 121 10.99 8.98 -3.54
C SER A 121 11.48 8.85 -2.12
N GLY A 122 10.76 9.42 -1.16
CA GLY A 122 11.22 9.51 0.20
C GLY A 122 11.85 10.85 0.50
N ARG A 123 11.63 11.36 1.70
CA ARG A 123 12.23 12.60 2.16
C ARG A 123 13.33 12.22 3.16
N TYR A 124 14.58 12.27 2.70
CA TYR A 124 15.72 11.82 3.48
C TYR A 124 16.52 13.00 4.02
N TRP A 125 17.30 12.71 5.05
CA TRP A 125 18.36 13.61 5.54
C TRP A 125 19.69 13.29 4.89
N ALA A 126 19.70 12.95 3.61
CA ALA A 126 20.90 12.48 2.94
C ALA A 126 20.84 12.83 1.46
N GLU A 127 21.99 12.72 0.79
CA GLU A 127 22.11 12.96 -0.64
C GLU A 127 22.29 11.61 -1.34
N ILE A 128 21.42 11.32 -2.30
CA ILE A 128 21.39 10.04 -2.99
C ILE A 128 21.84 10.25 -4.44
N SER A 129 22.54 9.25 -4.98
CA SER A 129 23.01 9.31 -6.37
C SER A 129 22.80 7.95 -7.02
N ASP A 130 21.87 7.89 -7.98
CA ASP A 130 21.54 6.65 -8.68
C ASP A 130 22.06 6.74 -10.10
N THR A 131 22.95 5.82 -10.46
CA THR A 131 23.46 5.71 -11.82
C THR A 131 22.82 4.49 -12.47
N ILE A 132 22.11 4.70 -13.57
CA ILE A 132 21.27 3.66 -14.15
C ILE A 132 22.12 2.71 -14.97
N ILE A 133 22.01 1.42 -14.69
CA ILE A 133 22.66 0.39 -15.48
C ILE A 133 21.75 -0.09 -16.61
N SER A 134 20.45 -0.21 -16.34
CA SER A 134 19.50 -0.62 -17.35
C SER A 134 18.12 -0.10 -16.98
N GLY A 135 17.25 -0.01 -17.98
CA GLY A 135 15.89 0.42 -17.75
C GLY A 135 15.73 1.92 -17.89
N THR A 136 14.68 2.43 -17.23
CA THR A 136 14.34 3.84 -17.29
C THR A 136 13.97 4.32 -15.89
N PHE A 137 14.29 5.57 -15.60
CA PHE A 137 13.99 6.19 -14.31
C PHE A 137 13.24 7.48 -14.59
N HIS A 138 11.93 7.49 -14.35
CA HIS A 138 11.13 8.70 -14.49
C HIS A 138 11.04 9.39 -13.14
N GLN A 139 11.34 10.69 -13.15
CA GLN A 139 11.35 11.52 -11.95
C GLN A 139 10.42 12.70 -12.15
N TRP A 140 9.51 12.89 -11.19
CA TRP A 140 8.59 14.03 -11.19
C TRP A 140 8.90 14.86 -9.95
N ARG A 141 9.49 16.04 -10.17
CA ARG A 141 9.95 16.87 -9.07
C ARG A 141 8.80 17.64 -8.43
N GLU A 142 8.91 17.84 -7.12
CA GLU A 142 7.87 18.52 -6.36
C GLU A 142 7.67 19.94 -6.86
N GLY A 143 6.42 20.39 -6.90
CA GLY A 143 6.09 21.71 -7.37
C GLY A 143 6.06 21.88 -8.87
N THR A 144 6.42 20.85 -9.64
CA THR A 144 6.38 20.90 -11.09
C THR A 144 5.16 20.14 -11.61
N THR A 145 4.91 20.30 -12.91
CA THR A 145 3.82 19.59 -13.57
C THR A 145 4.31 18.72 -14.72
N LYS A 146 5.62 18.58 -14.88
CA LYS A 146 6.19 17.72 -15.90
C LYS A 146 7.21 16.79 -15.23
N SER A 147 7.57 15.73 -15.95
CA SER A 147 8.52 14.75 -15.45
C SER A 147 9.69 14.61 -16.43
N GLU A 148 10.84 14.23 -15.88
CA GLU A 148 12.04 13.95 -16.67
C GLU A 148 12.31 12.46 -16.66
N VAL A 149 13.11 12.01 -17.62
CA VAL A 149 13.43 10.60 -17.78
C VAL A 149 14.94 10.45 -17.87
N PHE A 150 15.46 9.43 -17.19
CA PHE A 150 16.88 9.10 -17.22
C PHE A 150 17.06 7.69 -17.73
N TYR A 151 18.13 7.49 -18.52
CA TYR A 151 18.40 6.27 -19.25
C TYR A 151 19.72 5.66 -18.78
N PRO A 152 20.04 4.42 -19.14
CA PRO A 152 21.26 3.78 -18.63
C PRO A 152 22.50 4.63 -18.88
N GLY A 153 23.34 4.73 -17.85
CA GLY A 153 24.54 5.53 -17.91
C GLY A 153 24.42 6.88 -17.23
N GLU A 154 23.21 7.42 -17.13
CA GLU A 154 23.00 8.72 -16.51
C GLU A 154 22.83 8.58 -15.01
N THR A 155 23.13 9.66 -14.29
CA THR A 155 23.07 9.69 -12.83
C THR A 155 22.08 10.76 -12.41
N VAL A 156 21.17 10.37 -11.52
CA VAL A 156 20.15 11.26 -10.98
C VAL A 156 20.43 11.43 -9.48
N VAL A 157 20.33 12.67 -9.02
CA VAL A 157 20.70 13.02 -7.65
C VAL A 157 19.46 13.47 -6.89
N HIS A 158 19.36 13.01 -5.65
CA HIS A 158 18.28 13.39 -4.75
C HIS A 158 18.92 14.17 -3.61
N GLY A 159 18.65 15.48 -3.57
CA GLY A 159 19.18 16.33 -2.54
C GLY A 159 18.45 16.12 -1.23
N PRO A 160 19.08 16.50 -0.12
CA PRO A 160 18.43 16.32 1.18
C PRO A 160 17.23 17.25 1.30
N GLY A 161 16.18 16.72 1.93
CA GLY A 161 14.94 17.47 2.09
C GLY A 161 14.10 17.55 0.83
N GLU A 162 14.48 16.86 -0.24
CA GLU A 162 13.72 16.84 -1.47
C GLU A 162 12.81 15.62 -1.52
N ALA A 163 11.68 15.78 -2.18
CA ALA A 163 10.74 14.69 -2.41
C ALA A 163 10.30 14.74 -3.86
N THR A 164 10.28 13.57 -4.51
CA THR A 164 9.80 13.46 -5.88
C THR A 164 8.94 12.22 -6.01
N ALA A 165 8.27 12.12 -7.15
CA ALA A 165 7.61 10.88 -7.54
C ALA A 165 8.53 10.13 -8.48
N VAL A 166 8.60 8.80 -8.31
CA VAL A 166 9.54 7.97 -9.05
C VAL A 166 8.77 6.88 -9.77
N GLU A 167 9.25 6.53 -10.98
CA GLU A 167 8.67 5.47 -11.79
C GLU A 167 9.80 4.70 -12.47
N TRP A 168 9.98 3.43 -12.08
CA TRP A 168 10.92 2.55 -12.74
C TRP A 168 10.18 1.66 -13.73
N GLY A 169 10.65 1.65 -14.97
CA GLY A 169 10.09 0.79 -15.98
C GLY A 169 10.48 -0.66 -15.75
N PRO A 170 9.90 -1.56 -16.53
CA PRO A 170 10.23 -2.99 -16.35
C PRO A 170 11.71 -3.25 -16.58
N ASN A 171 12.28 -4.09 -15.71
CA ASN A 171 13.68 -4.50 -15.77
C ASN A 171 14.60 -3.27 -15.76
N THR A 172 14.57 -2.58 -14.62
CA THR A 172 15.40 -1.41 -14.37
C THR A 172 16.35 -1.71 -13.22
N TRP A 173 17.62 -1.35 -13.38
CA TRP A 173 18.65 -1.65 -12.41
C TRP A 173 19.65 -0.49 -12.37
N MET A 174 20.12 -0.17 -11.18
CA MET A 174 20.96 1.00 -10.95
C MET A 174 21.88 0.76 -9.77
N VAL A 175 22.95 1.55 -9.70
CA VAL A 175 23.86 1.59 -8.56
C VAL A 175 23.57 2.86 -7.77
N GLU A 176 23.42 2.73 -6.46
CA GLU A 176 23.05 3.85 -5.61
C GLU A 176 24.16 4.11 -4.60
N TYR A 177 24.49 5.38 -4.43
CA TYR A 177 25.48 5.83 -3.45
C TYR A 177 24.86 6.95 -2.63
N GLY A 178 24.59 6.69 -1.36
CA GLY A 178 23.96 7.65 -0.46
C GLY A 178 24.95 8.13 0.59
N ARG A 179 24.79 9.40 0.99
CA ARG A 179 25.68 10.02 1.95
C ARG A 179 24.90 10.99 2.82
N GLY A 180 24.90 10.77 4.13
CA GLY A 180 24.17 11.60 5.06
C GLY A 180 23.85 10.86 6.35
N VAL A 181 22.66 11.10 6.90
CA VAL A 181 22.26 10.45 8.15
C VAL A 181 21.58 9.15 7.73
N ILE A 182 22.37 8.09 7.60
CA ILE A 182 21.86 6.84 7.07
C ILE A 182 20.79 6.22 7.97
N PRO A 183 20.98 6.12 9.30
CA PRO A 183 19.92 5.49 10.12
C PRO A 183 18.55 6.14 10.01
N SER A 184 18.47 7.40 9.55
CA SER A 184 17.17 8.04 9.36
C SER A 184 16.45 7.53 8.12
N THR A 185 17.18 6.99 7.14
CA THR A 185 16.53 6.50 5.92
C THR A 185 15.84 5.15 6.14
N LEU A 186 16.25 4.37 7.14
CA LEU A 186 15.61 3.09 7.40
C LEU A 186 14.15 3.26 7.78
N ALA A 187 13.80 4.39 8.41
CA ALA A 187 12.41 4.63 8.79
C ALA A 187 11.51 4.68 7.56
N PHE A 188 12.00 5.24 6.46
CA PHE A 188 11.20 5.30 5.24
C PHE A 188 11.22 3.96 4.49
N ALA A 189 12.40 3.38 4.31
CA ALA A 189 12.56 2.18 3.51
C ALA A 189 11.88 0.96 4.11
N LEU A 190 11.47 1.02 5.37
CA LEU A 190 10.81 -0.10 6.03
C LEU A 190 9.37 0.19 6.40
N ALA A 191 8.83 1.34 5.98
CA ALA A 191 7.48 1.72 6.37
C ALA A 191 6.44 0.77 5.79
N ASP A 192 6.48 0.57 4.47
CA ASP A 192 5.53 -0.34 3.84
C ASP A 192 5.77 -1.79 4.24
N THR A 193 7.00 -2.14 4.62
CA THR A 193 7.25 -3.47 5.14
C THR A 193 6.51 -3.69 6.46
N VAL A 194 6.32 -2.64 7.24
CA VAL A 194 5.63 -2.76 8.51
C VAL A 194 4.12 -2.65 8.34
N PHE A 195 3.66 -1.65 7.59
CA PHE A 195 2.25 -1.31 7.55
C PHE A 195 1.52 -1.81 6.31
N SER A 196 2.24 -2.21 5.27
CA SER A 196 1.60 -2.63 4.03
C SER A 196 1.79 -4.10 3.72
N THR A 197 3.01 -4.63 3.87
CA THR A 197 3.29 -6.01 3.50
C THR A 197 3.40 -6.94 4.70
N GLN A 198 3.65 -6.42 5.90
CA GLN A 198 3.78 -7.23 7.11
C GLN A 198 4.81 -8.34 6.91
N ASP A 199 5.90 -8.00 6.23
CA ASP A 199 6.94 -8.98 5.87
C ASP A 199 8.09 -8.83 6.84
N PHE A 200 7.91 -9.40 8.03
CA PHE A 200 8.92 -9.28 9.09
C PHE A 200 10.23 -9.97 8.70
N LEU A 201 10.16 -11.01 7.87
CA LEU A 201 11.38 -11.68 7.44
C LEU A 201 12.26 -10.74 6.62
N THR A 202 11.66 -9.97 5.71
CA THR A 202 12.42 -9.02 4.91
C THR A 202 12.94 -7.87 5.77
N LEU A 203 12.16 -7.45 6.76
CA LEU A 203 12.65 -6.46 7.73
C LEU A 203 13.91 -6.97 8.43
N PHE A 204 13.89 -8.23 8.89
CA PHE A 204 15.05 -8.78 9.55
C PHE A 204 16.24 -8.89 8.60
N TYR A 205 16.00 -9.30 7.35
CA TYR A 205 17.08 -9.38 6.39
C TYR A 205 17.73 -8.03 6.15
N THR A 206 16.91 -6.98 6.03
CA THR A 206 17.43 -5.63 5.83
C THR A 206 18.27 -5.18 7.02
N LEU A 207 17.73 -5.36 8.23
CA LEU A 207 18.49 -4.97 9.42
C LEU A 207 19.77 -5.77 9.53
N ARG A 208 19.75 -7.05 9.15
CA ARG A 208 20.96 -7.87 9.22
C ARG A 208 22.00 -7.41 8.20
N SER A 209 21.57 -7.02 7.00
CA SER A 209 22.51 -6.49 6.02
C SER A 209 23.15 -5.20 6.53
N TYR A 210 22.34 -4.31 7.09
CA TYR A 210 22.90 -3.07 7.63
C TYR A 210 23.89 -3.36 8.76
N ALA A 211 23.53 -4.28 9.66
CA ALA A 211 24.42 -4.61 10.76
C ALA A 211 25.71 -5.26 10.27
N ARG A 212 25.63 -6.11 9.24
CA ARG A 212 26.83 -6.71 8.67
C ARG A 212 27.74 -5.64 8.08
N GLY A 213 27.17 -4.66 7.38
CA GLY A 213 27.98 -3.57 6.87
C GLY A 213 28.65 -2.78 7.98
N LEU A 214 27.90 -2.48 9.04
CA LEU A 214 28.50 -1.77 10.18
C LEU A 214 29.62 -2.59 10.82
N ARG A 215 29.40 -3.90 10.97
CA ARG A 215 30.42 -4.78 11.54
C ARG A 215 31.69 -4.74 10.70
N LEU A 216 31.55 -4.86 9.37
CA LEU A 216 32.70 -4.81 8.49
C LEU A 216 33.46 -3.50 8.64
N GLU A 217 32.73 -2.38 8.64
CA GLU A 217 33.39 -1.09 8.74
C GLU A 217 34.11 -0.95 10.07
N LEU A 218 33.50 -1.42 11.15
CA LEU A 218 34.14 -1.32 12.47
C LEU A 218 35.41 -2.16 12.53
N THR A 219 35.35 -3.41 12.09
CA THR A 219 36.53 -4.26 12.15
C THR A 219 37.63 -3.77 11.22
N THR A 220 37.27 -3.16 10.09
CA THR A 220 38.30 -2.63 9.21
C THR A 220 38.93 -1.37 9.81
N TYR A 221 38.14 -0.55 10.50
CA TYR A 221 38.70 0.63 11.17
C TYR A 221 39.58 0.22 12.35
N LEU A 222 39.30 -0.91 12.98
CA LEU A 222 40.10 -1.35 14.13
C LEU A 222 41.25 -2.26 13.73
N PHE A 223 41.14 -2.98 12.61
CA PHE A 223 42.15 -3.94 12.16
C PHE A 223 42.44 -4.99 13.23
N GLY B 3 -4.59 -64.22 52.90
CA GLY B 3 -5.18 -65.07 51.88
C GLY B 3 -5.97 -64.29 50.85
N SER B 4 -5.30 -63.87 49.78
CA SER B 4 -5.92 -63.12 48.70
C SER B 4 -5.63 -63.83 47.38
N MET B 5 -6.67 -64.00 46.56
CA MET B 5 -6.50 -64.64 45.26
C MET B 5 -5.72 -63.73 44.32
N GLN B 6 -4.73 -64.30 43.64
CA GLN B 6 -3.84 -63.54 42.77
C GLN B 6 -4.49 -63.15 41.44
N TRP B 7 -5.81 -63.26 41.32
CA TRP B 7 -6.50 -62.85 40.10
C TRP B 7 -7.45 -61.68 40.34
N ALA B 8 -7.65 -61.26 41.59
CA ALA B 8 -8.54 -60.16 41.89
C ALA B 8 -7.84 -58.82 41.66
N VAL B 9 -8.66 -57.77 41.51
CA VAL B 9 -8.18 -56.41 41.26
C VAL B 9 -8.94 -55.47 42.17
N GLY B 10 -8.20 -54.59 42.86
CA GLY B 10 -8.85 -53.57 43.66
C GLY B 10 -9.64 -52.60 42.80
N ARG B 11 -10.77 -52.14 43.35
CA ARG B 11 -11.68 -51.30 42.58
C ARG B 11 -11.12 -49.89 42.40
N ARG B 12 -10.47 -49.34 43.43
CA ARG B 12 -9.90 -47.99 43.31
C ARG B 12 -8.74 -47.98 42.33
N TRP B 13 -7.86 -48.98 42.42
CA TRP B 13 -6.77 -49.09 41.46
C TRP B 13 -7.32 -49.25 40.04
N ALA B 14 -8.39 -50.02 39.89
CA ALA B 14 -8.99 -50.20 38.56
C ALA B 14 -9.57 -48.90 38.03
N TRP B 15 -10.21 -48.13 38.90
CA TRP B 15 -10.74 -46.83 38.50
C TRP B 15 -9.63 -45.90 38.04
N ALA B 16 -8.55 -45.81 38.82
CA ALA B 16 -7.42 -44.96 38.45
C ALA B 16 -6.77 -45.44 37.16
N ALA B 17 -6.68 -46.77 36.98
CA ALA B 17 -6.06 -47.30 35.78
C ALA B 17 -6.91 -47.03 34.55
N LEU B 18 -8.24 -47.09 34.69
CA LEU B 18 -9.11 -46.74 33.57
C LEU B 18 -9.03 -45.24 33.25
N LEU B 19 -8.84 -44.41 34.27
CA LEU B 19 -8.60 -42.99 34.01
C LEU B 19 -7.30 -42.79 33.24
N LEU B 20 -6.24 -43.48 33.63
CA LEU B 20 -4.99 -43.40 32.87
C LEU B 20 -5.18 -43.93 31.45
N ALA B 21 -5.97 -44.98 31.29
CA ALA B 21 -6.20 -45.56 29.97
C ALA B 21 -6.93 -44.58 29.06
N VAL B 22 -7.99 -43.95 29.57
CA VAL B 22 -8.70 -42.99 28.74
C VAL B 22 -7.83 -41.76 28.47
N ALA B 23 -6.98 -41.37 29.44
CA ALA B 23 -6.06 -40.27 29.19
C ALA B 23 -5.12 -40.58 28.03
N ALA B 24 -4.52 -41.78 28.06
CA ALA B 24 -3.59 -42.16 27.01
C ALA B 24 -4.31 -42.31 25.66
N VAL B 25 -5.50 -42.92 25.66
CA VAL B 25 -6.24 -43.11 24.42
C VAL B 25 -6.65 -41.77 23.82
N LEU B 26 -7.05 -40.83 24.66
CA LEU B 26 -7.43 -39.51 24.16
C LEU B 26 -6.22 -38.76 23.63
N THR B 27 -5.10 -38.76 24.37
CA THR B 27 -3.90 -38.11 23.89
C THR B 27 -3.33 -38.76 22.63
N GLN B 28 -3.68 -40.02 22.38
CA GLN B 28 -3.24 -40.69 21.16
C GLN B 28 -4.16 -40.41 19.97
N VAL B 29 -5.49 -40.44 20.18
CA VAL B 29 -6.43 -40.22 19.08
C VAL B 29 -6.57 -38.74 18.74
N VAL B 30 -6.18 -37.84 19.64
CA VAL B 30 -6.11 -36.43 19.29
C VAL B 30 -5.02 -36.20 18.26
N TRP B 31 -3.91 -36.92 18.36
CA TRP B 31 -2.84 -36.80 17.38
C TRP B 31 -3.30 -37.27 16.01
N LEU B 32 -4.01 -38.40 15.95
CA LEU B 32 -4.53 -38.93 14.70
C LEU B 32 -5.51 -37.98 14.01
N TRP B 33 -6.05 -37.00 14.72
CA TRP B 33 -6.86 -35.98 14.05
C TRP B 33 -6.03 -35.18 13.05
N LEU B 34 -4.75 -34.96 13.35
CA LEU B 34 -3.83 -34.36 12.39
C LEU B 34 -3.34 -35.38 11.35
N GLY B 35 -3.67 -36.65 11.52
CA GLY B 35 -3.32 -37.66 10.54
C GLY B 35 -4.47 -38.01 9.63
N THR B 36 -5.69 -37.80 10.13
CA THR B 36 -6.90 -37.99 9.34
C THR B 36 -7.43 -36.66 8.78
N GLN B 37 -6.54 -35.72 8.48
CA GLN B 37 -6.96 -34.44 7.94
C GLN B 37 -7.48 -34.62 6.52
N SER B 38 -8.67 -34.06 6.26
CA SER B 38 -9.36 -34.25 5.00
C SER B 38 -9.61 -32.88 4.37
N PHE B 39 -8.91 -32.62 3.27
CA PHE B 39 -9.15 -31.40 2.50
C PHE B 39 -10.33 -31.62 1.56
N VAL B 40 -11.26 -30.65 1.56
CA VAL B 40 -12.47 -30.78 0.76
C VAL B 40 -12.14 -30.91 -0.72
N PHE B 41 -11.16 -30.14 -1.18
CA PHE B 41 -10.72 -30.15 -2.57
C PHE B 41 -9.31 -30.71 -2.66
N GLN B 42 -9.04 -31.47 -3.71
CA GLN B 42 -7.69 -31.91 -3.97
C GLN B 42 -6.82 -30.71 -4.34
N ARG B 43 -5.51 -30.87 -4.18
CA ARG B 43 -4.60 -29.74 -4.36
C ARG B 43 -4.61 -29.25 -5.81
N GLU B 44 -4.57 -30.17 -6.78
CA GLU B 44 -4.57 -29.83 -8.19
C GLU B 44 -5.96 -29.91 -8.81
N GLU B 45 -6.99 -30.18 -8.01
CA GLU B 45 -8.34 -30.29 -8.56
C GLU B 45 -8.87 -28.93 -8.99
N ILE B 46 -8.66 -27.90 -8.17
CA ILE B 46 -9.14 -26.57 -8.53
C ILE B 46 -8.48 -26.09 -9.81
N ALA B 47 -7.18 -26.36 -9.96
CA ALA B 47 -6.46 -25.91 -11.15
C ALA B 47 -6.92 -26.65 -12.40
N GLN B 48 -7.03 -27.97 -12.32
CA GLN B 48 -7.51 -28.75 -13.46
C GLN B 48 -8.96 -28.42 -13.79
N LEU B 49 -9.74 -27.99 -12.81
CA LEU B 49 -11.12 -27.60 -13.06
C LEU B 49 -11.18 -26.27 -13.78
N ALA B 50 -10.41 -25.29 -13.30
CA ALA B 50 -10.45 -23.95 -13.89
C ALA B 50 -9.79 -23.91 -15.26
N ARG B 51 -8.81 -24.78 -15.51
CA ARG B 51 -8.15 -24.81 -16.82
C ARG B 51 -9.10 -25.20 -17.94
N GLN B 52 -10.28 -25.75 -17.61
CA GLN B 52 -11.23 -26.12 -18.65
C GLN B 52 -12.07 -24.93 -19.11
N TYR B 53 -12.36 -23.98 -18.22
CA TYR B 53 -13.20 -22.83 -18.53
C TYR B 53 -12.37 -21.61 -18.94
N ALA B 54 -11.05 -21.76 -19.09
CA ALA B 54 -10.22 -20.61 -19.43
C ALA B 54 -10.52 -20.06 -20.82
N GLY B 55 -11.09 -20.87 -21.71
CA GLY B 55 -11.38 -20.42 -23.06
C GLY B 55 -12.55 -19.47 -23.16
N LEU B 56 -13.42 -19.45 -22.15
CA LEU B 56 -14.57 -18.57 -22.15
C LEU B 56 -14.21 -17.20 -21.57
N ASP B 57 -15.11 -16.24 -21.76
CA ASP B 57 -15.00 -14.98 -21.04
C ASP B 57 -15.16 -15.22 -19.54
N HIS B 58 -14.59 -14.31 -18.75
CA HIS B 58 -14.49 -14.57 -17.31
C HIS B 58 -15.85 -14.64 -16.64
N GLU B 59 -16.86 -13.95 -17.18
CA GLU B 59 -18.19 -14.00 -16.59
C GLU B 59 -18.81 -15.38 -16.70
N LEU B 60 -18.99 -15.86 -17.94
CA LEU B 60 -19.56 -17.18 -18.16
C LEU B 60 -18.69 -18.27 -17.56
N ALA B 61 -17.37 -18.08 -17.61
CA ALA B 61 -16.46 -19.06 -17.03
C ALA B 61 -16.66 -19.17 -15.53
N PHE B 62 -16.73 -18.03 -14.84
CA PHE B 62 -17.01 -18.03 -13.40
C PHE B 62 -18.34 -18.70 -13.10
N SER B 63 -19.38 -18.38 -13.88
CA SER B 63 -20.69 -18.94 -13.60
C SER B 63 -20.69 -20.46 -13.76
N ARG B 64 -20.16 -20.95 -14.88
CA ARG B 64 -20.14 -22.40 -15.12
C ARG B 64 -19.23 -23.12 -14.13
N LEU B 65 -18.12 -22.49 -13.73
CA LEU B 65 -17.25 -23.11 -12.75
C LEU B 65 -17.92 -23.19 -11.38
N ILE B 66 -18.66 -22.15 -11.00
CA ILE B 66 -19.38 -22.19 -9.72
C ILE B 66 -20.44 -23.29 -9.76
N VAL B 67 -21.15 -23.40 -10.88
CA VAL B 67 -22.16 -24.46 -11.02
C VAL B 67 -21.51 -25.83 -10.87
N GLU B 68 -20.41 -26.05 -11.59
CA GLU B 68 -19.74 -27.36 -11.54
C GLU B 68 -19.16 -27.64 -10.15
N LEU B 69 -18.67 -26.61 -9.47
CA LEU B 69 -18.10 -26.80 -8.15
C LEU B 69 -19.17 -27.10 -7.11
N ARG B 70 -20.36 -26.52 -7.28
CA ARG B 70 -21.48 -26.88 -6.41
C ARG B 70 -21.95 -28.31 -6.68
N ARG B 71 -21.97 -28.70 -7.96
CA ARG B 71 -22.35 -30.07 -8.29
C ARG B 71 -21.36 -31.07 -7.72
N LEU B 72 -20.06 -30.77 -7.76
CA LEU B 72 -19.06 -31.71 -7.28
C LEU B 72 -19.00 -31.78 -5.76
N HIS B 73 -19.08 -30.63 -5.08
CA HIS B 73 -19.01 -30.57 -3.62
C HIS B 73 -20.24 -29.85 -3.08
N PRO B 74 -21.37 -30.55 -2.99
CA PRO B 74 -22.57 -29.92 -2.43
C PRO B 74 -22.37 -29.57 -0.97
N GLY B 75 -22.96 -28.45 -0.57
CA GLY B 75 -22.85 -27.98 0.80
C GLY B 75 -21.52 -27.38 1.16
N HIS B 76 -20.61 -27.19 0.20
CA HIS B 76 -19.31 -26.61 0.46
C HIS B 76 -19.05 -25.31 -0.30
N VAL B 77 -20.02 -24.82 -1.05
CA VAL B 77 -19.90 -23.59 -1.82
C VAL B 77 -21.00 -22.65 -1.39
N LEU B 78 -20.66 -21.37 -1.23
CA LEU B 78 -21.64 -20.39 -0.78
C LEU B 78 -22.75 -20.25 -1.83
N PRO B 79 -23.99 -20.03 -1.41
CA PRO B 79 -25.09 -19.88 -2.38
C PRO B 79 -25.05 -18.52 -3.06
N ASP B 80 -25.89 -18.38 -4.09
CA ASP B 80 -25.98 -17.11 -4.80
C ASP B 80 -26.39 -15.96 -3.89
N GLU B 81 -27.05 -16.26 -2.77
CA GLU B 81 -27.47 -15.22 -1.85
C GLU B 81 -26.29 -14.54 -1.16
N GLU B 82 -25.18 -15.26 -1.00
CA GLU B 82 -24.03 -14.78 -0.25
C GLU B 82 -22.80 -14.55 -1.12
N LEU B 83 -22.92 -14.67 -2.44
CA LEU B 83 -21.80 -14.37 -3.33
C LEU B 83 -21.73 -12.86 -3.57
N GLN B 84 -20.54 -12.31 -3.39
CA GLN B 84 -20.38 -10.85 -3.46
C GLN B 84 -18.95 -10.52 -3.85
N TRP B 85 -18.80 -9.62 -4.82
CA TRP B 85 -17.48 -9.08 -5.17
C TRP B 85 -17.10 -8.02 -4.16
N VAL B 86 -15.96 -8.21 -3.49
CA VAL B 86 -15.44 -7.22 -2.55
C VAL B 86 -14.01 -6.86 -2.93
N PHE B 87 -13.65 -5.60 -2.69
CA PHE B 87 -12.32 -5.15 -3.01
C PHE B 87 -11.30 -5.75 -2.05
N VAL B 88 -10.06 -5.84 -2.51
CA VAL B 88 -8.94 -6.38 -1.74
C VAL B 88 -7.75 -5.45 -1.98
N ASN B 89 -7.32 -4.75 -0.93
CA ASN B 89 -6.16 -3.87 -1.00
C ASN B 89 -5.09 -4.41 -0.06
N ALA B 90 -3.98 -4.88 -0.62
CA ALA B 90 -2.95 -5.50 0.21
C ALA B 90 -1.62 -5.51 -0.53
N GLY B 91 -0.54 -5.41 0.24
CA GLY B 91 0.79 -5.44 -0.31
C GLY B 91 1.08 -4.37 -1.35
N GLY B 92 0.29 -3.30 -1.37
CA GLY B 92 0.45 -2.26 -2.36
C GLY B 92 -0.28 -2.52 -3.67
N TRP B 93 -0.97 -3.64 -3.80
CA TRP B 93 -1.80 -3.91 -4.96
C TRP B 93 -3.27 -3.91 -4.57
N MET B 94 -4.12 -3.85 -5.60
CA MET B 94 -5.57 -3.79 -5.40
C MET B 94 -6.26 -4.64 -6.45
N GLY B 95 -7.17 -5.50 -5.99
CA GLY B 95 -8.01 -6.28 -6.86
C GLY B 95 -9.38 -6.51 -6.26
N ALA B 96 -10.08 -7.53 -6.74
CA ALA B 96 -11.38 -7.90 -6.20
C ALA B 96 -11.45 -9.40 -6.08
N MET B 97 -12.17 -9.85 -5.05
CA MET B 97 -12.36 -11.26 -4.78
C MET B 97 -13.84 -11.57 -4.63
N CYS B 98 -14.17 -12.83 -4.88
CA CYS B 98 -15.49 -13.39 -4.61
C CYS B 98 -15.26 -14.75 -3.98
N LEU B 99 -15.55 -14.86 -2.69
CA LEU B 99 -15.20 -16.04 -1.91
C LEU B 99 -16.23 -17.14 -2.14
N LEU B 100 -15.78 -18.30 -2.62
CA LEU B 100 -16.66 -19.43 -2.87
C LEU B 100 -16.67 -20.44 -1.74
N HIS B 101 -15.52 -20.73 -1.15
CA HIS B 101 -15.40 -21.63 -0.02
C HIS B 101 -14.41 -21.04 0.97
N ALA B 102 -14.66 -21.27 2.25
CA ALA B 102 -13.81 -20.71 3.30
C ALA B 102 -13.88 -21.58 4.54
N SER B 103 -12.73 -22.07 4.98
CA SER B 103 -12.63 -22.81 6.23
C SER B 103 -11.41 -22.32 7.00
N LEU B 104 -11.08 -23.00 8.11
CA LEU B 104 -9.89 -22.63 8.87
C LEU B 104 -8.61 -23.19 8.27
N SER B 105 -8.71 -24.08 7.28
CA SER B 105 -7.54 -24.65 6.63
C SER B 105 -7.58 -24.58 5.12
N GLU B 106 -8.71 -24.20 4.51
CA GLU B 106 -8.84 -24.12 3.07
C GLU B 106 -9.64 -22.89 2.68
N TYR B 107 -9.38 -22.40 1.48
CA TYR B 107 -10.26 -21.38 0.91
C TYR B 107 -10.15 -21.41 -0.61
N VAL B 108 -11.26 -21.05 -1.27
CA VAL B 108 -11.31 -20.90 -2.71
C VAL B 108 -12.02 -19.60 -3.04
N LEU B 109 -11.50 -18.88 -4.03
CA LEU B 109 -12.15 -17.63 -4.43
C LEU B 109 -11.82 -17.29 -5.88
N LEU B 110 -12.64 -16.40 -6.44
CA LEU B 110 -12.40 -15.83 -7.76
C LEU B 110 -11.77 -14.46 -7.57
N PHE B 111 -10.52 -14.30 -8.02
CA PHE B 111 -9.79 -13.05 -7.83
C PHE B 111 -9.44 -12.43 -9.17
N GLY B 112 -9.23 -11.13 -9.17
CA GLY B 112 -8.74 -10.49 -10.38
C GLY B 112 -8.78 -8.98 -10.30
N THR B 113 -8.44 -8.36 -11.43
CA THR B 113 -8.46 -6.91 -11.54
C THR B 113 -8.72 -6.52 -12.98
N ALA B 114 -9.58 -5.50 -13.15
CA ALA B 114 -9.89 -4.98 -14.48
C ALA B 114 -8.93 -3.88 -14.92
N LEU B 115 -8.10 -3.36 -14.03
CA LEU B 115 -7.15 -2.31 -14.36
C LEU B 115 -5.70 -2.77 -14.36
N GLY B 116 -5.38 -3.83 -13.64
CA GLY B 116 -3.99 -4.21 -13.42
C GLY B 116 -3.43 -3.60 -12.15
N SER B 117 -2.47 -4.29 -11.56
CA SER B 117 -1.90 -3.83 -10.31
C SER B 117 -0.52 -4.45 -10.13
N ARG B 118 0.22 -3.91 -9.17
CA ARG B 118 1.55 -4.40 -8.84
C ARG B 118 1.78 -4.30 -7.35
N GLY B 119 2.58 -5.23 -6.82
CA GLY B 119 2.91 -5.11 -5.40
C GLY B 119 3.54 -6.39 -4.87
N HIS B 120 3.42 -6.54 -3.55
CA HIS B 120 4.05 -7.60 -2.79
C HIS B 120 3.08 -8.76 -2.63
N SER B 121 3.57 -9.98 -2.88
CA SER B 121 2.71 -11.15 -2.78
C SER B 121 2.30 -11.43 -1.34
N GLY B 122 3.23 -11.31 -0.41
CA GLY B 122 2.99 -11.58 0.99
C GLY B 122 3.52 -12.95 1.39
N ARG B 123 3.96 -13.05 2.63
CA ARG B 123 4.47 -14.31 3.19
C ARG B 123 3.40 -14.94 4.05
N TYR B 124 2.81 -16.03 3.57
CA TYR B 124 1.73 -16.70 4.27
C TYR B 124 2.21 -18.01 4.89
N TRP B 125 1.54 -18.42 5.95
CA TRP B 125 1.69 -19.77 6.47
C TRP B 125 0.77 -20.73 5.73
N ALA B 126 0.78 -20.64 4.39
CA ALA B 126 -0.14 -21.39 3.56
C ALA B 126 0.44 -21.52 2.16
N GLU B 127 -0.10 -22.47 1.40
CA GLU B 127 0.27 -22.69 0.01
C GLU B 127 -0.86 -22.20 -0.88
N ILE B 128 -0.54 -21.31 -1.81
CA ILE B 128 -1.55 -20.67 -2.65
C ILE B 128 -1.39 -21.18 -4.09
N SER B 129 -2.51 -21.31 -4.79
CA SER B 129 -2.50 -21.72 -6.18
C SER B 129 -3.46 -20.81 -6.96
N ASP B 130 -2.97 -20.25 -8.06
CA ASP B 130 -3.74 -19.31 -8.87
C ASP B 130 -3.77 -19.82 -10.30
N THR B 131 -4.97 -20.18 -10.78
CA THR B 131 -5.16 -20.66 -12.13
C THR B 131 -5.81 -19.56 -12.96
N ILE B 132 -5.12 -19.13 -14.00
CA ILE B 132 -5.53 -17.95 -14.76
C ILE B 132 -6.65 -18.32 -15.72
N ILE B 133 -7.76 -17.59 -15.65
CA ILE B 133 -8.81 -17.70 -16.65
C ILE B 133 -8.59 -16.72 -17.79
N SER B 134 -8.16 -15.50 -17.46
CA SER B 134 -7.90 -14.49 -18.49
C SER B 134 -6.82 -13.56 -17.99
N GLY B 135 -6.08 -12.97 -18.93
CA GLY B 135 -5.06 -11.99 -18.61
C GLY B 135 -3.66 -12.58 -18.50
N THR B 136 -2.80 -11.82 -17.81
CA THR B 136 -1.41 -12.18 -17.63
C THR B 136 -1.02 -12.05 -16.17
N PHE B 137 -0.06 -12.86 -15.74
CA PHE B 137 0.44 -12.84 -14.37
C PHE B 137 1.96 -12.80 -14.40
N HIS B 138 2.56 -11.72 -13.90
CA HIS B 138 4.01 -11.57 -13.86
C HIS B 138 4.49 -11.81 -12.44
N GLN B 139 5.41 -12.74 -12.28
CA GLN B 139 5.97 -13.08 -10.98
C GLN B 139 7.47 -12.85 -11.00
N TRP B 140 7.99 -12.24 -9.94
CA TRP B 140 9.41 -11.98 -9.78
C TRP B 140 9.81 -12.56 -8.42
N ARG B 141 10.47 -13.72 -8.46
CA ARG B 141 10.78 -14.44 -7.23
C ARG B 141 11.89 -13.74 -6.45
N GLU B 142 11.94 -14.03 -5.16
CA GLU B 142 12.94 -13.41 -4.29
C GLU B 142 14.33 -13.95 -4.59
N GLY B 143 15.32 -13.05 -4.60
CA GLY B 143 16.69 -13.42 -4.86
C GLY B 143 17.09 -13.42 -6.32
N THR B 144 16.13 -13.36 -7.24
CA THR B 144 16.41 -13.35 -8.67
C THR B 144 16.32 -11.93 -9.21
N THR B 145 16.77 -11.77 -10.45
CA THR B 145 16.69 -10.50 -11.16
C THR B 145 15.92 -10.64 -12.47
N LYS B 146 15.02 -11.62 -12.53
CA LYS B 146 14.21 -11.86 -13.71
C LYS B 146 12.80 -12.21 -13.28
N SER B 147 11.87 -12.12 -14.22
CA SER B 147 10.47 -12.42 -13.95
C SER B 147 9.93 -13.38 -15.00
N GLU B 148 8.91 -14.12 -14.62
CA GLU B 148 8.21 -15.04 -15.52
C GLU B 148 6.78 -14.57 -15.71
N VAL B 149 6.19 -14.94 -16.84
CA VAL B 149 4.83 -14.55 -17.19
C VAL B 149 4.00 -15.81 -17.39
N PHE B 150 2.79 -15.79 -16.85
CA PHE B 150 1.85 -16.90 -16.92
C PHE B 150 0.59 -16.43 -17.64
N TYR B 151 0.05 -17.30 -18.50
CA TYR B 151 -1.05 -16.97 -19.39
C TYR B 151 -2.28 -17.80 -19.03
N PRO B 152 -3.46 -17.51 -19.62
CA PRO B 152 -4.65 -18.29 -19.26
C PRO B 152 -4.46 -19.78 -19.47
N GLY B 153 -4.92 -20.56 -18.49
CA GLY B 153 -4.78 -21.99 -18.47
C GLY B 153 -3.71 -22.49 -17.52
N GLU B 154 -2.65 -21.72 -17.34
CA GLU B 154 -1.55 -22.10 -16.47
C GLU B 154 -1.85 -21.77 -15.02
N THR B 155 -1.09 -22.39 -14.12
CA THR B 155 -1.29 -22.20 -12.69
C THR B 155 0.03 -21.79 -12.05
N VAL B 156 -0.03 -20.76 -11.21
CA VAL B 156 1.12 -20.29 -10.44
C VAL B 156 0.97 -20.79 -9.02
N VAL B 157 2.03 -21.43 -8.51
CA VAL B 157 2.04 -22.02 -7.18
C VAL B 157 2.96 -21.18 -6.28
N HIS B 158 2.44 -20.78 -5.13
CA HIS B 158 3.15 -19.95 -4.16
C HIS B 158 3.30 -20.76 -2.89
N GLY B 159 4.52 -21.21 -2.61
CA GLY B 159 4.79 -22.02 -1.45
C GLY B 159 4.70 -21.24 -0.16
N PRO B 160 4.66 -21.94 0.96
CA PRO B 160 4.60 -21.25 2.26
C PRO B 160 5.92 -20.58 2.58
N GLY B 161 5.83 -19.35 3.09
CA GLY B 161 7.01 -18.58 3.46
C GLY B 161 7.72 -17.91 2.30
N GLU B 162 7.28 -18.12 1.06
CA GLU B 162 7.92 -17.48 -0.08
C GLU B 162 7.39 -16.06 -0.26
N ALA B 163 8.21 -15.22 -0.88
CA ALA B 163 7.84 -13.84 -1.15
C ALA B 163 8.25 -13.48 -2.56
N THR B 164 7.30 -12.95 -3.33
CA THR B 164 7.55 -12.55 -4.71
C THR B 164 6.92 -11.19 -4.96
N ALA B 165 7.43 -10.51 -5.98
CA ALA B 165 6.76 -9.32 -6.52
C ALA B 165 5.83 -9.74 -7.64
N VAL B 166 4.66 -9.09 -7.70
CA VAL B 166 3.61 -9.54 -8.61
C VAL B 166 3.06 -8.38 -9.42
N GLU B 167 2.65 -8.70 -10.64
CA GLU B 167 2.04 -7.73 -11.55
C GLU B 167 0.91 -8.40 -12.33
N TRP B 168 -0.30 -7.88 -12.19
CA TRP B 168 -1.43 -8.30 -13.01
C TRP B 168 -1.70 -7.26 -14.08
N GLY B 169 -1.78 -7.71 -15.33
CA GLY B 169 -2.13 -6.84 -16.42
C GLY B 169 -3.58 -6.42 -16.36
N PRO B 170 -4.02 -5.66 -17.36
CA PRO B 170 -5.42 -5.25 -17.40
C PRO B 170 -6.33 -6.45 -17.65
N ASN B 171 -7.44 -6.49 -16.91
CA ASN B 171 -8.47 -7.52 -17.08
C ASN B 171 -7.89 -8.92 -16.94
N THR B 172 -7.31 -9.18 -15.78
CA THR B 172 -6.80 -10.50 -15.41
C THR B 172 -7.72 -11.11 -14.35
N TRP B 173 -8.15 -12.33 -14.60
CA TRP B 173 -9.06 -13.04 -13.69
C TRP B 173 -8.61 -14.47 -13.55
N MET B 174 -8.72 -14.99 -12.33
CA MET B 174 -8.20 -16.29 -11.96
C MET B 174 -9.04 -16.86 -10.82
N VAL B 175 -8.99 -18.19 -10.67
CA VAL B 175 -9.48 -18.83 -9.46
C VAL B 175 -8.27 -19.05 -8.55
N GLU B 176 -8.54 -19.25 -7.27
CA GLU B 176 -7.46 -19.36 -6.30
C GLU B 176 -7.85 -20.31 -5.19
N TYR B 177 -6.91 -21.18 -4.83
CA TYR B 177 -7.10 -22.18 -3.80
C TYR B 177 -5.95 -22.09 -2.82
N GLY B 178 -6.27 -22.15 -1.53
CA GLY B 178 -5.27 -21.97 -0.51
C GLY B 178 -5.43 -22.93 0.65
N ARG B 179 -4.32 -23.50 1.09
CA ARG B 179 -4.26 -24.49 2.16
C ARG B 179 -3.28 -24.01 3.21
N GLY B 180 -3.74 -23.84 4.43
CA GLY B 180 -2.86 -23.48 5.52
C GLY B 180 -3.60 -22.68 6.57
N VAL B 181 -2.85 -21.88 7.31
CA VAL B 181 -3.43 -21.04 8.34
C VAL B 181 -4.14 -19.87 7.70
N ILE B 182 -5.41 -20.05 7.38
CA ILE B 182 -6.15 -19.03 6.63
C ILE B 182 -6.27 -17.71 7.40
N PRO B 183 -6.57 -17.69 8.71
CA PRO B 183 -6.66 -16.40 9.40
C PRO B 183 -5.38 -15.57 9.34
N SER B 184 -4.22 -16.22 9.36
CA SER B 184 -2.97 -15.48 9.23
C SER B 184 -2.86 -14.80 7.87
N THR B 185 -3.41 -15.41 6.82
CA THR B 185 -3.41 -14.78 5.50
C THR B 185 -4.45 -13.67 5.42
N LEU B 186 -5.58 -13.85 6.10
CA LEU B 186 -6.55 -12.76 6.23
C LEU B 186 -5.94 -11.56 6.93
N ALA B 187 -5.02 -11.81 7.86
CA ALA B 187 -4.31 -10.71 8.52
C ALA B 187 -3.54 -9.86 7.52
N PHE B 188 -2.92 -10.50 6.52
CA PHE B 188 -2.20 -9.76 5.49
C PHE B 188 -3.15 -9.11 4.50
N ALA B 189 -4.24 -9.79 4.16
CA ALA B 189 -5.15 -9.27 3.13
C ALA B 189 -5.86 -8.00 3.54
N LEU B 190 -5.76 -7.58 4.80
CA LEU B 190 -6.46 -6.40 5.27
C LEU B 190 -5.52 -5.30 5.76
N ALA B 191 -4.22 -5.41 5.46
CA ALA B 191 -3.26 -4.41 5.95
C ALA B 191 -3.50 -3.05 5.28
N ASP B 192 -3.44 -3.01 3.95
CA ASP B 192 -3.67 -1.75 3.25
C ASP B 192 -5.09 -1.26 3.44
N THR B 193 -6.05 -2.17 3.66
CA THR B 193 -7.42 -1.75 3.94
C THR B 193 -7.49 -0.92 5.22
N VAL B 194 -6.56 -1.16 6.14
CA VAL B 194 -6.55 -0.46 7.42
C VAL B 194 -5.65 0.77 7.39
N PHE B 195 -4.46 0.64 6.79
CA PHE B 195 -3.45 1.70 6.85
C PHE B 195 -3.30 2.50 5.57
N SER B 196 -4.04 2.15 4.50
CA SER B 196 -3.87 2.84 3.23
C SER B 196 -5.19 3.36 2.69
N THR B 197 -6.23 2.52 2.68
CA THR B 197 -7.52 2.90 2.12
C THR B 197 -8.53 3.35 3.16
N GLN B 198 -8.41 2.85 4.40
CA GLN B 198 -9.37 3.16 5.47
C GLN B 198 -10.79 2.75 5.10
N ASP B 199 -10.92 1.75 4.21
CA ASP B 199 -12.22 1.33 3.70
C ASP B 199 -12.78 0.27 4.65
N PHE B 200 -13.36 0.76 5.75
CA PHE B 200 -13.87 -0.15 6.79
C PHE B 200 -15.07 -0.93 6.30
N LEU B 201 -15.83 -0.40 5.34
CA LEU B 201 -16.93 -1.16 4.77
C LEU B 201 -16.42 -2.39 4.03
N THR B 202 -15.29 -2.25 3.33
CA THR B 202 -14.67 -3.41 2.69
C THR B 202 -14.18 -4.40 3.73
N LEU B 203 -13.65 -3.90 4.85
CA LEU B 203 -13.26 -4.78 5.96
C LEU B 203 -14.45 -5.59 6.45
N PHE B 204 -15.58 -4.91 6.70
CA PHE B 204 -16.79 -5.61 7.13
C PHE B 204 -17.22 -6.63 6.08
N TYR B 205 -17.15 -6.27 4.80
CA TYR B 205 -17.59 -7.19 3.75
C TYR B 205 -16.74 -8.45 3.71
N THR B 206 -15.41 -8.29 3.79
CA THR B 206 -14.53 -9.46 3.75
C THR B 206 -14.73 -10.32 5.00
N LEU B 207 -14.84 -9.71 6.17
CA LEU B 207 -15.07 -10.48 7.38
C LEU B 207 -16.42 -11.20 7.33
N ARG B 208 -17.43 -10.56 6.73
CA ARG B 208 -18.73 -11.18 6.63
C ARG B 208 -18.70 -12.35 5.66
N SER B 209 -17.94 -12.22 4.56
CA SER B 209 -17.78 -13.35 3.65
C SER B 209 -17.10 -14.51 4.35
N TYR B 210 -16.05 -14.23 5.14
CA TYR B 210 -15.40 -15.30 5.89
C TYR B 210 -16.35 -15.93 6.90
N ALA B 211 -17.17 -15.11 7.57
CA ALA B 211 -18.12 -15.64 8.54
C ALA B 211 -19.18 -16.51 7.87
N ARG B 212 -19.65 -16.10 6.68
CA ARG B 212 -20.61 -16.91 5.95
C ARG B 212 -19.99 -18.22 5.52
N GLY B 213 -18.74 -18.19 5.07
CA GLY B 213 -18.06 -19.44 4.72
C GLY B 213 -17.92 -20.37 5.91
N LEU B 214 -17.56 -19.82 7.08
CA LEU B 214 -17.42 -20.65 8.27
C LEU B 214 -18.78 -21.19 8.73
N ARG B 215 -19.82 -20.38 8.64
CA ARG B 215 -21.16 -20.84 9.01
C ARG B 215 -21.61 -21.96 8.08
N LEU B 216 -21.32 -21.84 6.78
CA LEU B 216 -21.66 -22.91 5.86
C LEU B 216 -20.88 -24.18 6.16
N GLU B 217 -19.59 -24.04 6.47
CA GLU B 217 -18.78 -25.22 6.76
C GLU B 217 -19.20 -25.89 8.07
N LEU B 218 -19.74 -25.11 9.01
CA LEU B 218 -20.18 -25.72 10.27
C LEU B 218 -21.57 -26.35 10.14
N THR B 219 -22.48 -25.69 9.41
CA THR B 219 -23.80 -26.27 9.22
C THR B 219 -23.78 -27.48 8.29
N THR B 220 -22.78 -27.59 7.42
CA THR B 220 -22.64 -28.81 6.62
C THR B 220 -22.11 -29.96 7.47
N TYR B 221 -21.22 -29.65 8.41
CA TYR B 221 -20.67 -30.69 9.28
C TYR B 221 -21.73 -31.23 10.24
N LEU B 222 -22.74 -30.43 10.57
CA LEU B 222 -23.80 -30.82 11.49
C LEU B 222 -25.03 -31.36 10.79
N PHE B 223 -25.10 -31.28 9.46
CA PHE B 223 -26.25 -31.77 8.72
C PHE B 223 -25.88 -32.07 7.27
N GLN C 6 -46.96 21.39 42.52
CA GLN C 6 -45.54 21.06 42.58
C GLN C 6 -45.32 19.65 43.12
N TRP C 7 -44.57 18.84 42.38
CA TRP C 7 -44.22 17.50 42.82
C TRP C 7 -42.84 17.14 42.30
N ALA C 8 -42.33 16.00 42.75
CA ALA C 8 -40.98 15.57 42.43
C ALA C 8 -40.98 14.64 41.21
N VAL C 9 -39.81 14.56 40.59
CA VAL C 9 -39.57 13.65 39.47
C VAL C 9 -38.50 12.65 39.88
N GLY C 10 -38.65 11.40 39.45
CA GLY C 10 -37.73 10.36 39.87
C GLY C 10 -36.33 10.56 39.32
N ARG C 11 -35.38 9.87 39.95
CA ARG C 11 -33.99 9.95 39.51
C ARG C 11 -33.81 9.32 38.13
N ARG C 12 -34.59 8.28 37.83
CA ARG C 12 -34.66 7.74 36.47
C ARG C 12 -35.77 8.35 35.64
N TRP C 13 -36.77 8.99 36.27
CA TRP C 13 -37.84 9.62 35.51
C TRP C 13 -37.36 10.91 34.87
N ALA C 14 -36.82 11.83 35.67
CA ALA C 14 -36.26 13.06 35.12
C ALA C 14 -35.07 12.79 34.22
N TRP C 15 -34.36 11.67 34.44
CA TRP C 15 -33.25 11.31 33.57
C TRP C 15 -33.73 11.05 32.14
N ALA C 16 -34.74 10.17 32.00
CA ALA C 16 -35.29 9.90 30.68
C ALA C 16 -36.01 11.11 30.12
N ALA C 17 -36.63 11.93 30.97
CA ALA C 17 -37.29 13.14 30.49
C ALA C 17 -36.27 14.12 29.90
N LEU C 18 -35.14 14.32 30.57
CA LEU C 18 -34.08 15.16 30.02
C LEU C 18 -33.46 14.53 28.79
N LEU C 19 -33.38 13.20 28.75
CA LEU C 19 -32.90 12.53 27.53
C LEU C 19 -33.80 12.86 26.34
N LEU C 20 -35.12 12.78 26.54
CA LEU C 20 -36.06 13.12 25.47
C LEU C 20 -36.01 14.60 25.12
N ALA C 21 -35.83 15.46 26.13
CA ALA C 21 -35.73 16.90 25.87
C ALA C 21 -34.50 17.21 25.02
N VAL C 22 -33.35 16.64 25.39
CA VAL C 22 -32.13 16.83 24.61
C VAL C 22 -32.27 16.22 23.23
N ALA C 23 -32.99 15.10 23.11
CA ALA C 23 -33.23 14.50 21.80
C ALA C 23 -34.02 15.44 20.90
N ALA C 24 -35.12 15.99 21.42
CA ALA C 24 -35.93 16.94 20.65
C ALA C 24 -35.11 18.16 20.26
N VAL C 25 -34.37 18.72 21.23
CA VAL C 25 -33.57 19.92 20.97
C VAL C 25 -32.53 19.63 19.88
N LEU C 26 -31.79 18.53 20.02
CA LEU C 26 -30.73 18.21 19.08
C LEU C 26 -31.29 17.91 17.70
N THR C 27 -32.39 17.17 17.61
CA THR C 27 -32.97 16.85 16.31
C THR C 27 -33.48 18.10 15.60
N GLN C 28 -34.24 18.94 16.31
CA GLN C 28 -34.74 20.15 15.67
C GLN C 28 -33.63 21.13 15.35
N VAL C 29 -32.55 21.13 16.15
CA VAL C 29 -31.42 22.02 15.85
C VAL C 29 -30.65 21.51 14.65
N VAL C 30 -30.49 20.20 14.51
CA VAL C 30 -29.85 19.64 13.33
C VAL C 30 -30.68 19.95 12.09
N TRP C 31 -32.00 19.85 12.20
CA TRP C 31 -32.85 20.19 11.06
C TRP C 31 -32.75 21.67 10.71
N LEU C 32 -32.68 22.54 11.73
CA LEU C 32 -32.52 23.97 11.49
C LEU C 32 -31.19 24.25 10.83
N TRP C 33 -30.14 23.53 11.22
CA TRP C 33 -28.82 23.72 10.61
C TRP C 33 -28.81 23.23 9.16
N LEU C 34 -29.49 22.11 8.88
CA LEU C 34 -29.60 21.62 7.52
C LEU C 34 -30.38 22.60 6.64
N GLY C 35 -31.40 23.24 7.22
CA GLY C 35 -32.19 24.19 6.45
C GLY C 35 -31.40 25.44 6.07
N THR C 36 -30.51 25.89 6.95
CA THR C 36 -29.70 27.07 6.71
C THR C 36 -28.40 26.75 5.97
N GLN C 37 -28.21 25.51 5.53
CA GLN C 37 -26.99 25.14 4.84
C GLN C 37 -26.94 25.80 3.46
N SER C 38 -25.88 26.58 3.22
CA SER C 38 -25.67 27.24 1.95
C SER C 38 -24.33 26.82 1.37
N PHE C 39 -24.28 26.68 0.05
CA PHE C 39 -23.08 26.26 -0.66
C PHE C 39 -22.63 27.35 -1.61
N VAL C 40 -21.32 27.61 -1.64
CA VAL C 40 -20.77 28.66 -2.49
C VAL C 40 -20.92 28.27 -3.96
N PHE C 41 -20.63 27.01 -4.30
CA PHE C 41 -20.68 26.53 -5.66
C PHE C 41 -21.84 25.57 -5.83
N GLN C 42 -22.46 25.60 -7.01
CA GLN C 42 -23.56 24.70 -7.30
C GLN C 42 -23.05 23.30 -7.58
N ARG C 43 -23.99 22.34 -7.65
CA ARG C 43 -23.63 20.94 -7.75
C ARG C 43 -22.86 20.63 -9.02
N GLU C 44 -23.15 21.35 -10.11
CA GLU C 44 -22.49 21.11 -11.40
C GLU C 44 -21.80 22.36 -11.93
N GLU C 45 -21.56 23.36 -11.07
CA GLU C 45 -20.97 24.61 -11.52
C GLU C 45 -19.50 24.45 -11.86
N ILE C 46 -18.75 23.82 -10.95
CA ILE C 46 -17.32 23.62 -11.19
C ILE C 46 -17.09 22.79 -12.44
N ALA C 47 -17.89 21.76 -12.65
CA ALA C 47 -17.72 20.91 -13.82
C ALA C 47 -18.01 21.68 -15.10
N GLN C 48 -19.12 22.43 -15.13
CA GLN C 48 -19.46 23.23 -16.31
C GLN C 48 -18.38 24.25 -16.60
N LEU C 49 -17.82 24.86 -15.56
CA LEU C 49 -16.79 25.87 -15.77
C LEU C 49 -15.47 25.26 -16.23
N ALA C 50 -15.12 24.08 -15.70
CA ALA C 50 -13.84 23.48 -16.04
C ALA C 50 -13.87 22.83 -17.40
N ARG C 51 -15.04 22.34 -17.85
CA ARG C 51 -15.13 21.76 -19.17
C ARG C 51 -14.79 22.77 -20.26
N GLN C 52 -15.01 24.07 -19.99
CA GLN C 52 -14.71 25.09 -20.98
C GLN C 52 -13.22 25.25 -21.23
N TYR C 53 -12.37 24.89 -20.26
CA TYR C 53 -10.93 25.04 -20.40
C TYR C 53 -10.21 23.72 -20.71
N ALA C 54 -10.92 22.60 -20.69
CA ALA C 54 -10.30 21.32 -21.02
C ALA C 54 -9.86 21.29 -22.47
N GLY C 55 -8.77 20.56 -22.73
CA GLY C 55 -8.17 20.47 -24.03
C GLY C 55 -7.00 21.41 -24.23
N LEU C 56 -6.98 22.53 -23.52
CA LEU C 56 -5.86 23.45 -23.59
C LEU C 56 -4.66 22.89 -22.84
N ASP C 57 -3.56 23.63 -22.83
CA ASP C 57 -2.43 23.29 -21.98
C ASP C 57 -2.85 23.41 -20.52
N HIS C 58 -2.55 22.38 -19.73
CA HIS C 58 -3.09 22.31 -18.38
C HIS C 58 -2.66 23.52 -17.54
N GLU C 59 -1.48 24.07 -17.79
CA GLU C 59 -1.06 25.29 -17.10
C GLU C 59 -1.98 26.46 -17.46
N LEU C 60 -2.17 26.70 -18.75
CA LEU C 60 -3.05 27.76 -19.21
C LEU C 60 -4.48 27.54 -18.70
N ALA C 61 -4.95 26.29 -18.75
CA ALA C 61 -6.29 25.98 -18.27
C ALA C 61 -6.43 26.30 -16.79
N PHE C 62 -5.45 25.89 -15.98
CA PHE C 62 -5.51 26.16 -14.56
C PHE C 62 -5.50 27.66 -14.27
N SER C 63 -4.64 28.42 -14.96
CA SER C 63 -4.58 29.85 -14.72
C SER C 63 -5.90 30.52 -15.09
N ARG C 64 -6.44 30.21 -16.26
CA ARG C 64 -7.69 30.83 -16.69
C ARG C 64 -8.84 30.43 -15.78
N LEU C 65 -8.86 29.18 -15.34
CA LEU C 65 -9.92 28.73 -14.44
C LEU C 65 -9.83 29.44 -13.09
N ILE C 66 -8.61 29.63 -12.57
CA ILE C 66 -8.46 30.34 -11.31
C ILE C 66 -8.94 31.78 -11.45
N VAL C 67 -8.57 32.43 -12.56
CA VAL C 67 -9.02 33.80 -12.79
C VAL C 67 -10.55 33.86 -12.86
N GLU C 68 -11.15 32.93 -13.59
CA GLU C 68 -12.61 32.91 -13.74
C GLU C 68 -13.30 32.65 -12.41
N LEU C 69 -12.79 31.71 -11.62
CA LEU C 69 -13.39 31.43 -10.31
C LEU C 69 -13.26 32.61 -9.37
N ARG C 70 -12.11 33.30 -9.39
CA ARG C 70 -11.98 34.49 -8.57
C ARG C 70 -12.94 35.59 -9.02
N ARG C 71 -13.22 35.65 -10.32
CA ARG C 71 -14.17 36.65 -10.81
C ARG C 71 -15.60 36.29 -10.42
N LEU C 72 -15.95 35.00 -10.45
CA LEU C 72 -17.33 34.60 -10.17
C LEU C 72 -17.63 34.54 -8.68
N HIS C 73 -16.64 34.26 -7.85
CA HIS C 73 -16.83 34.13 -6.40
C HIS C 73 -15.67 34.79 -5.68
N PRO C 74 -15.66 36.12 -5.60
CA PRO C 74 -14.60 36.80 -4.86
C PRO C 74 -14.72 36.52 -3.36
N GLY C 75 -13.57 36.30 -2.73
CA GLY C 75 -13.51 35.97 -1.32
C GLY C 75 -13.61 34.51 -1.00
N HIS C 76 -13.73 33.63 -2.01
CA HIS C 76 -13.82 32.19 -1.79
C HIS C 76 -12.72 31.43 -2.52
N VAL C 77 -11.72 32.13 -3.06
CA VAL C 77 -10.60 31.49 -3.75
C VAL C 77 -9.31 32.02 -3.14
N LEU C 78 -8.39 31.11 -2.81
CA LEU C 78 -7.17 31.49 -2.13
C LEU C 78 -6.31 32.40 -3.02
N PRO C 79 -5.59 33.35 -2.43
CA PRO C 79 -4.73 34.23 -3.24
C PRO C 79 -3.54 33.49 -3.81
N ASP C 80 -2.83 34.17 -4.71
CA ASP C 80 -1.70 33.55 -5.38
C ASP C 80 -0.60 33.14 -4.41
N GLU C 81 -0.38 33.95 -3.37
CA GLU C 81 0.66 33.64 -2.40
C GLU C 81 0.31 32.46 -1.49
N GLU C 82 -0.91 31.95 -1.58
CA GLU C 82 -1.31 30.77 -0.81
C GLU C 82 -1.59 29.56 -1.68
N LEU C 83 -1.44 29.68 -3.00
CA LEU C 83 -1.56 28.53 -3.88
C LEU C 83 -0.22 27.80 -3.95
N GLN C 84 -0.25 26.48 -3.76
CA GLN C 84 0.98 25.71 -3.69
C GLN C 84 0.69 24.27 -4.09
N TRP C 85 1.48 23.73 -5.01
CA TRP C 85 1.40 22.32 -5.34
C TRP C 85 1.98 21.49 -4.21
N VAL C 86 1.21 20.49 -3.76
CA VAL C 86 1.65 19.61 -2.68
C VAL C 86 1.27 18.19 -3.05
N PHE C 87 2.18 17.25 -2.83
CA PHE C 87 1.92 15.85 -3.17
C PHE C 87 0.81 15.30 -2.27
N VAL C 88 0.13 14.27 -2.78
CA VAL C 88 -0.89 13.53 -2.06
C VAL C 88 -0.62 12.05 -2.28
N ASN C 89 -0.55 11.30 -1.18
CA ASN C 89 -0.37 9.85 -1.23
C ASN C 89 -1.50 9.20 -0.45
N ALA C 90 -2.32 8.41 -1.12
CA ALA C 90 -3.45 7.79 -0.46
C ALA C 90 -3.95 6.63 -1.32
N GLY C 91 -4.51 5.62 -0.64
CA GLY C 91 -5.04 4.44 -1.30
C GLY C 91 -4.09 3.74 -2.25
N GLY C 92 -2.77 3.91 -2.06
CA GLY C 92 -1.80 3.31 -2.95
C GLY C 92 -1.40 4.18 -4.12
N TRP C 93 -2.14 5.24 -4.42
CA TRP C 93 -1.79 6.13 -5.51
C TRP C 93 -1.12 7.39 -4.99
N MET C 94 -0.45 8.09 -5.91
CA MET C 94 0.28 9.32 -5.60
C MET C 94 0.07 10.32 -6.71
N GLY C 95 -0.25 11.55 -6.32
CA GLY C 95 -0.39 12.63 -7.26
C GLY C 95 -0.04 13.96 -6.60
N ALA C 96 -0.55 15.05 -7.15
CA ALA C 96 -0.30 16.37 -6.61
C ALA C 96 -1.57 17.20 -6.71
N MET C 97 -1.80 18.02 -5.68
CA MET C 97 -2.99 18.85 -5.60
C MET C 97 -2.59 20.30 -5.38
N CYS C 98 -3.52 21.18 -5.73
CA CYS C 98 -3.42 22.62 -5.48
C CYS C 98 -4.81 23.08 -5.05
N LEU C 99 -4.94 23.47 -3.78
CA LEU C 99 -6.24 23.78 -3.21
C LEU C 99 -6.64 25.22 -3.53
N LEU C 100 -7.81 25.40 -4.15
CA LEU C 100 -8.31 26.73 -4.46
C LEU C 100 -9.38 27.20 -3.49
N HIS C 101 -10.19 26.28 -2.98
CA HIS C 101 -11.24 26.60 -2.02
C HIS C 101 -11.39 25.43 -1.07
N ALA C 102 -11.62 25.72 0.21
CA ALA C 102 -11.85 24.66 1.19
C ALA C 102 -12.54 25.25 2.41
N SER C 103 -13.63 24.61 2.81
CA SER C 103 -14.33 24.95 4.05
C SER C 103 -14.57 23.62 4.77
N LEU C 104 -15.56 23.61 5.66
CA LEU C 104 -15.95 22.36 6.30
C LEU C 104 -16.84 21.52 5.39
N SER C 105 -17.61 22.16 4.51
CA SER C 105 -18.59 21.47 3.69
C SER C 105 -18.19 21.33 2.23
N GLU C 106 -17.38 22.25 1.71
CA GLU C 106 -17.01 22.25 0.30
C GLU C 106 -15.50 22.34 0.15
N TYR C 107 -15.01 21.88 -1.00
CA TYR C 107 -13.63 22.12 -1.39
C TYR C 107 -13.50 22.07 -2.90
N VAL C 108 -12.56 22.84 -3.43
CA VAL C 108 -12.24 22.86 -4.85
C VAL C 108 -10.73 22.78 -4.99
N LEU C 109 -10.25 21.92 -5.89
CA LEU C 109 -8.81 21.79 -6.07
C LEU C 109 -8.49 21.38 -7.50
N LEU C 110 -7.23 21.58 -7.85
CA LEU C 110 -6.66 21.07 -9.09
C LEU C 110 -5.81 19.84 -8.75
N PHE C 111 -6.08 18.73 -9.40
CA PHE C 111 -5.40 17.49 -9.07
C PHE C 111 -4.75 16.92 -10.32
N GLY C 112 -3.70 16.13 -10.13
CA GLY C 112 -3.15 15.41 -11.26
C GLY C 112 -1.79 14.82 -10.99
N THR C 113 -1.32 14.08 -11.99
CA THR C 113 -0.04 13.41 -11.94
C THR C 113 0.62 13.44 -13.32
N ALA C 114 1.93 13.62 -13.35
CA ALA C 114 2.70 13.58 -14.58
C ALA C 114 3.21 12.19 -14.91
N LEU C 115 3.14 11.25 -13.95
CA LEU C 115 3.60 9.88 -14.16
C LEU C 115 2.48 8.86 -14.28
N GLY C 116 1.29 9.20 -13.81
CA GLY C 116 0.23 8.21 -13.73
C GLY C 116 0.33 7.38 -12.45
N SER C 117 -0.82 6.92 -11.99
CA SER C 117 -0.88 6.18 -10.74
C SER C 117 -2.12 5.29 -10.76
N ARG C 118 -2.18 4.40 -9.78
CA ARG C 118 -3.30 3.47 -9.63
C ARG C 118 -3.56 3.25 -8.15
N GLY C 119 -4.83 3.14 -7.77
CA GLY C 119 -5.12 2.83 -6.38
C GLY C 119 -6.59 2.88 -6.06
N HIS C 120 -6.87 3.03 -4.77
CA HIS C 120 -8.22 2.97 -4.22
C HIS C 120 -8.79 4.38 -4.14
N SER C 121 -9.97 4.58 -4.71
CA SER C 121 -10.57 5.92 -4.76
C SER C 121 -10.83 6.47 -3.37
N GLY C 122 -11.15 5.61 -2.40
CA GLY C 122 -11.50 6.07 -1.07
C GLY C 122 -13.00 6.14 -0.90
N ARG C 123 -13.51 5.74 0.26
CA ARG C 123 -14.93 5.77 0.55
C ARG C 123 -15.20 6.97 1.46
N TYR C 124 -15.92 7.96 0.94
CA TYR C 124 -16.11 9.21 1.64
C TYR C 124 -17.58 9.42 2.01
N TRP C 125 -17.79 10.25 3.03
CA TRP C 125 -19.10 10.83 3.32
C TRP C 125 -19.28 12.14 2.57
N ALA C 126 -19.06 12.09 1.24
CA ALA C 126 -19.08 13.28 0.43
C ALA C 126 -19.21 12.88 -1.04
N GLU C 127 -19.81 13.78 -1.83
CA GLU C 127 -19.98 13.60 -3.27
C GLU C 127 -18.89 14.39 -3.98
N ILE C 128 -18.10 13.71 -4.82
CA ILE C 128 -16.89 14.29 -5.39
C ILE C 128 -16.97 14.19 -6.92
N SER C 129 -16.97 15.34 -7.59
CA SER C 129 -16.96 15.37 -9.04
C SER C 129 -15.59 15.81 -9.53
N ASP C 130 -15.13 15.19 -10.62
CA ASP C 130 -13.81 15.45 -11.18
C ASP C 130 -13.96 15.67 -12.69
N THR C 131 -13.55 16.85 -13.16
CA THR C 131 -13.60 17.19 -14.57
C THR C 131 -12.20 17.17 -15.14
N ILE C 132 -11.97 16.31 -16.14
CA ILE C 132 -10.64 16.07 -16.67
C ILE C 132 -10.23 17.22 -17.58
N ILE C 133 -9.06 17.81 -17.28
CA ILE C 133 -8.49 18.80 -18.18
C ILE C 133 -7.62 18.15 -19.25
N SER C 134 -6.87 17.12 -18.87
CA SER C 134 -6.03 16.39 -19.82
C SER C 134 -5.70 15.02 -19.24
N GLY C 135 -5.27 14.11 -20.10
CA GLY C 135 -4.89 12.79 -19.67
C GLY C 135 -5.99 11.75 -19.83
N THR C 136 -5.99 10.73 -18.97
CA THR C 136 -7.01 9.69 -18.99
C THR C 136 -7.37 9.32 -17.56
N PHE C 137 -8.59 8.81 -17.38
CA PHE C 137 -9.09 8.41 -16.07
C PHE C 137 -9.80 7.07 -16.24
N HIS C 138 -9.18 5.99 -15.79
CA HIS C 138 -9.80 4.68 -15.80
C HIS C 138 -10.47 4.42 -14.47
N GLN C 139 -11.73 4.01 -14.51
CA GLN C 139 -12.52 3.75 -13.33
C GLN C 139 -13.00 2.31 -13.35
N TRP C 140 -13.01 1.67 -12.18
CA TRP C 140 -13.50 0.31 -12.01
C TRP C 140 -14.45 0.32 -10.82
N ARG C 141 -15.75 0.23 -11.09
CA ARG C 141 -16.74 0.34 -10.04
C ARG C 141 -16.85 -0.95 -9.24
N GLU C 142 -17.21 -0.81 -7.97
CA GLU C 142 -17.30 -1.95 -7.07
C GLU C 142 -18.42 -2.89 -7.51
N GLY C 143 -18.13 -4.19 -7.55
CA GLY C 143 -19.09 -5.19 -7.96
C GLY C 143 -19.09 -5.54 -9.42
N THR C 144 -18.38 -4.78 -10.26
CA THR C 144 -18.29 -5.05 -11.68
C THR C 144 -16.95 -5.68 -12.03
N THR C 145 -16.86 -6.20 -13.25
CA THR C 145 -15.62 -6.72 -13.79
C THR C 145 -15.12 -5.93 -14.99
N LYS C 146 -15.80 -4.84 -15.34
CA LYS C 146 -15.42 -3.98 -16.46
C LYS C 146 -14.96 -2.63 -15.94
N SER C 147 -14.24 -1.90 -16.79
CA SER C 147 -13.75 -0.57 -16.45
C SER C 147 -14.14 0.41 -17.55
N GLU C 148 -14.39 1.65 -17.13
CA GLU C 148 -14.77 2.72 -18.05
C GLU C 148 -13.67 3.76 -18.11
N VAL C 149 -13.35 4.23 -19.31
CA VAL C 149 -12.32 5.23 -19.53
C VAL C 149 -12.99 6.59 -19.69
N PHE C 150 -12.36 7.62 -19.15
CA PHE C 150 -12.82 8.99 -19.28
C PHE C 150 -11.69 9.85 -19.82
N TYR C 151 -12.02 10.70 -20.78
CA TYR C 151 -11.09 11.57 -21.48
C TYR C 151 -11.37 13.03 -21.14
N PRO C 152 -10.47 13.95 -21.51
CA PRO C 152 -10.66 15.36 -21.18
C PRO C 152 -12.03 15.88 -21.62
N GLY C 153 -12.61 16.73 -20.79
CA GLY C 153 -13.95 17.24 -20.97
C GLY C 153 -15.01 16.49 -20.19
N GLU C 154 -14.79 15.20 -19.93
CA GLU C 154 -15.75 14.41 -19.19
C GLU C 154 -15.66 14.71 -17.70
N THR C 155 -16.73 14.38 -16.98
CA THR C 155 -16.78 14.53 -15.54
C THR C 155 -17.20 13.22 -14.90
N VAL C 156 -16.41 12.76 -13.93
CA VAL C 156 -16.67 11.54 -13.19
C VAL C 156 -17.23 11.93 -11.82
N VAL C 157 -18.38 11.37 -11.47
CA VAL C 157 -19.04 11.63 -10.19
C VAL C 157 -18.83 10.43 -9.28
N HIS C 158 -18.44 10.70 -8.04
CA HIS C 158 -18.17 9.69 -7.03
C HIS C 158 -19.13 9.96 -5.88
N GLY C 159 -20.17 9.13 -5.77
CA GLY C 159 -21.21 9.33 -4.80
C GLY C 159 -20.78 8.97 -3.40
N PRO C 160 -21.47 9.51 -2.40
CA PRO C 160 -21.11 9.23 -1.01
C PRO C 160 -21.30 7.75 -0.68
N GLY C 161 -20.24 7.14 -0.13
CA GLY C 161 -20.25 5.74 0.19
C GLY C 161 -19.77 4.83 -0.90
N GLU C 162 -19.62 5.34 -2.13
CA GLU C 162 -19.12 4.53 -3.22
C GLU C 162 -17.60 4.40 -3.15
N ALA C 163 -17.09 3.28 -3.64
CA ALA C 163 -15.65 3.02 -3.65
C ALA C 163 -15.29 2.36 -4.97
N THR C 164 -14.37 2.97 -5.70
CA THR C 164 -13.94 2.47 -7.00
C THR C 164 -12.43 2.30 -7.01
N ALA C 165 -11.95 1.66 -8.07
CA ALA C 165 -10.51 1.54 -8.34
C ALA C 165 -10.17 2.53 -9.45
N VAL C 166 -9.23 3.43 -9.17
CA VAL C 166 -8.92 4.51 -10.10
C VAL C 166 -7.52 4.32 -10.67
N GLU C 167 -7.35 4.79 -11.91
CA GLU C 167 -6.06 4.77 -12.58
C GLU C 167 -5.92 6.03 -13.43
N TRP C 168 -4.89 6.81 -13.16
CA TRP C 168 -4.57 7.99 -13.96
C TRP C 168 -3.42 7.68 -14.90
N GLY C 169 -3.58 8.03 -16.17
CA GLY C 169 -2.52 7.92 -17.13
C GLY C 169 -1.49 9.01 -16.94
N PRO C 170 -0.37 8.92 -17.65
CA PRO C 170 0.65 9.97 -17.56
C PRO C 170 0.09 11.31 -18.00
N ASN C 171 0.50 12.36 -17.29
CA ASN C 171 0.08 13.74 -17.57
C ASN C 171 -1.45 13.85 -17.56
N THR C 172 -2.06 13.38 -16.48
CA THR C 172 -3.49 13.51 -16.27
C THR C 172 -3.74 14.62 -15.25
N TRP C 173 -4.52 15.61 -15.65
CA TRP C 173 -4.84 16.77 -14.81
C TRP C 173 -6.33 17.02 -14.88
N MET C 174 -6.92 17.39 -13.73
CA MET C 174 -8.35 17.48 -13.58
C MET C 174 -8.69 18.54 -12.54
N VAL C 175 -9.96 18.97 -12.56
CA VAL C 175 -10.52 19.88 -11.57
C VAL C 175 -11.51 19.10 -10.72
N GLU C 176 -11.49 19.33 -9.41
CA GLU C 176 -12.26 18.53 -8.48
C GLU C 176 -13.06 19.44 -7.56
N TYR C 177 -14.36 19.18 -7.48
CA TYR C 177 -15.26 19.82 -6.53
C TYR C 177 -15.81 18.74 -5.61
N GLY C 178 -15.67 18.94 -4.31
CA GLY C 178 -16.16 17.98 -3.33
C GLY C 178 -17.09 18.65 -2.34
N ARG C 179 -18.17 17.96 -2.01
CA ARG C 179 -19.19 18.45 -1.10
C ARG C 179 -19.54 17.36 -0.12
N GLY C 180 -19.45 17.65 1.17
CA GLY C 180 -19.77 16.69 2.22
C GLY C 180 -18.92 16.96 3.45
N VAL C 181 -18.69 15.89 4.22
CA VAL C 181 -17.84 15.99 5.41
C VAL C 181 -16.38 15.98 4.96
N ILE C 182 -15.84 17.18 4.71
CA ILE C 182 -14.52 17.33 4.12
C ILE C 182 -13.41 16.84 5.07
N PRO C 183 -13.47 17.11 6.38
CA PRO C 183 -12.45 16.51 7.27
C PRO C 183 -12.33 15.00 7.15
N SER C 184 -13.45 14.30 6.96
CA SER C 184 -13.39 12.86 6.81
C SER C 184 -12.67 12.46 5.52
N THR C 185 -12.75 13.30 4.49
CA THR C 185 -12.01 13.03 3.25
C THR C 185 -10.54 13.35 3.41
N LEU C 186 -10.23 14.42 4.15
CA LEU C 186 -8.83 14.73 4.45
C LEU C 186 -8.18 13.62 5.25
N ALA C 187 -8.94 12.98 6.14
CA ALA C 187 -8.42 11.83 6.88
C ALA C 187 -7.89 10.75 5.94
N PHE C 188 -8.66 10.43 4.90
CA PHE C 188 -8.19 9.47 3.90
C PHE C 188 -7.04 10.06 3.09
N ALA C 189 -7.06 11.37 2.85
CA ALA C 189 -6.08 11.98 1.96
C ALA C 189 -4.66 11.90 2.50
N LEU C 190 -4.50 11.57 3.79
CA LEU C 190 -3.19 11.58 4.43
C LEU C 190 -2.78 10.21 4.94
N ALA C 191 -3.45 9.15 4.49
CA ALA C 191 -3.16 7.81 5.01
C ALA C 191 -1.75 7.36 4.65
N ASP C 192 -1.44 7.30 3.35
CA ASP C 192 -0.12 6.88 2.92
C ASP C 192 0.95 7.88 3.35
N THR C 193 0.60 9.15 3.47
CA THR C 193 1.57 10.14 3.93
C THR C 193 2.03 9.84 5.35
N VAL C 194 1.18 9.23 6.16
CA VAL C 194 1.54 8.90 7.54
C VAL C 194 2.15 7.52 7.65
N PHE C 195 1.54 6.51 7.02
CA PHE C 195 1.94 5.12 7.24
C PHE C 195 2.78 4.53 6.11
N SER C 196 3.17 5.32 5.12
CA SER C 196 3.88 4.75 3.98
C SER C 196 5.05 5.63 3.55
N THR C 197 4.81 6.92 3.35
CA THR C 197 5.88 7.82 2.92
C THR C 197 6.56 8.51 4.08
N GLN C 198 5.86 8.69 5.21
CA GLN C 198 6.39 9.39 6.39
C GLN C 198 6.96 10.77 6.03
N ASP C 199 6.32 11.43 5.07
CA ASP C 199 6.75 12.76 4.62
C ASP C 199 5.99 13.80 5.43
N PHE C 200 6.52 14.12 6.63
CA PHE C 200 5.84 15.04 7.53
C PHE C 200 5.74 16.44 6.93
N LEU C 201 6.66 16.80 6.04
CA LEU C 201 6.60 18.10 5.39
C LEU C 201 5.37 18.21 4.49
N THR C 202 5.06 17.16 3.73
CA THR C 202 3.86 17.16 2.91
C THR C 202 2.60 17.21 3.77
N LEU C 203 2.61 16.47 4.89
CA LEU C 203 1.50 16.54 5.84
C LEU C 203 1.28 17.98 6.32
N PHE C 204 2.37 18.65 6.70
CA PHE C 204 2.25 20.04 7.14
C PHE C 204 1.71 20.93 6.04
N TYR C 205 2.20 20.74 4.80
CA TYR C 205 1.73 21.57 3.69
C TYR C 205 0.23 21.39 3.47
N THR C 206 -0.24 20.14 3.46
CA THR C 206 -1.66 19.87 3.25
C THR C 206 -2.51 20.50 4.35
N LEU C 207 -2.12 20.27 5.61
CA LEU C 207 -2.89 20.83 6.71
C LEU C 207 -2.87 22.35 6.69
N ARG C 208 -1.75 22.95 6.28
CA ARG C 208 -1.67 24.40 6.20
C ARG C 208 -2.56 24.94 5.08
N SER C 209 -2.63 24.23 3.96
CA SER C 209 -3.53 24.66 2.89
C SER C 209 -4.98 24.60 3.34
N TYR C 210 -5.36 23.52 4.02
CA TYR C 210 -6.72 23.43 4.55
C TYR C 210 -6.99 24.56 5.55
N ALA C 211 -6.00 24.86 6.40
CA ALA C 211 -6.18 25.93 7.38
C ALA C 211 -6.31 27.29 6.70
N ARG C 212 -5.58 27.52 5.61
CA ARG C 212 -5.70 28.77 4.87
C ARG C 212 -7.06 28.89 4.22
N GLY C 213 -7.57 27.79 3.66
CA GLY C 213 -8.92 27.80 3.11
C GLY C 213 -9.96 28.09 4.18
N LEU C 214 -9.85 27.46 5.34
CA LEU C 214 -10.77 27.72 6.44
C LEU C 214 -10.69 29.17 6.89
N ARG C 215 -9.47 29.72 6.99
CA ARG C 215 -9.30 31.10 7.42
C ARG C 215 -9.96 32.05 6.42
N LEU C 216 -9.74 31.84 5.13
CA LEU C 216 -10.37 32.68 4.11
C LEU C 216 -11.88 32.59 4.20
N GLU C 217 -12.42 31.38 4.34
CA GLU C 217 -13.86 31.22 4.42
C GLU C 217 -14.43 31.94 5.63
N LEU C 218 -13.74 31.82 6.78
CA LEU C 218 -14.21 32.49 7.98
C LEU C 218 -14.19 34.00 7.82
N THR C 219 -13.11 34.54 7.25
CA THR C 219 -13.02 35.98 7.06
C THR C 219 -14.11 36.48 6.12
N THR C 220 -14.37 35.74 5.04
CA THR C 220 -15.41 36.17 4.11
C THR C 220 -16.80 36.02 4.70
N TYR C 221 -17.03 34.99 5.52
CA TYR C 221 -18.33 34.82 6.15
C TYR C 221 -18.58 35.93 7.17
N LEU C 222 -17.55 36.37 7.88
CA LEU C 222 -17.71 37.41 8.89
C LEU C 222 -17.64 38.83 8.33
N PHE C 223 -17.04 39.03 7.17
CA PHE C 223 -16.80 40.38 6.69
C PHE C 223 -17.09 40.59 5.20
N GLY C 224 -17.51 39.54 4.49
CA GLY C 224 -18.14 39.75 3.20
C GLY C 224 -17.22 40.00 2.02
N GLN C 225 -16.01 39.47 2.07
CA GLN C 225 -15.08 39.57 0.93
C GLN C 225 -14.86 41.01 0.49
C10 GMJ D . 17.15 4.12 -0.48
C11 GMJ D . 16.14 4.19 -1.62
C01 GMJ D . 18.34 2.67 3.16
C02 GMJ D . 19.18 2.38 4.22
C03 GMJ D . 19.91 1.21 4.23
C04 GMJ D . 19.82 0.31 3.18
C05 GMJ D . 18.98 0.59 2.11
C06 GMJ D . 18.25 1.77 2.10
C07 GMJ D . 17.34 2.06 0.91
C09 GMJ D . 16.64 3.41 0.77
C13 GMJ D . 16.59 6.18 -2.28
C14 GMJ D . 15.47 6.99 -2.93
C15 GMJ D . 15.12 6.63 -4.30
C16 GMJ D . 15.84 5.50 -4.82
C17 GMJ D . 15.92 4.38 -3.78
C18 GMJ D . 15.42 7.98 -5.17
C19 GMJ D . 16.72 8.35 -5.50
C20 GMJ D . 16.95 9.51 -6.25
C21 GMJ D . 15.87 10.30 -6.62
C22 GMJ D . 14.58 9.94 -6.29
C23 GMJ D . 14.37 8.77 -5.55
F26 GMJ D . 20.74 0.92 5.28
N12 GMJ D . 16.60 4.78 -2.56
O08 GMJ D . 17.16 1.22 0.09
O25 GMJ D . 13.75 6.37 -4.33
CL1 GMJ D . 16.11 11.80 -7.57
S SO4 E . 26.11 -13.09 10.55
O1 SO4 E . 27.07 -13.07 9.45
O2 SO4 E . 25.70 -11.73 10.87
O3 SO4 E . 24.92 -13.85 10.15
O4 SO4 E . 26.72 -13.73 11.71
S SO4 F . 33.38 13.42 -3.07
O1 SO4 F . 32.22 12.62 -3.47
O2 SO4 F . 34.12 13.81 -4.26
O3 SO4 F . 34.24 12.63 -2.19
O4 SO4 F . 32.95 14.61 -2.36
S SO4 G . 20.06 -6.13 -19.46
O1 SO4 G . 20.31 -7.54 -19.75
O2 SO4 G . 20.31 -5.33 -20.66
O3 SO4 G . 20.94 -5.68 -18.39
O4 SO4 G . 18.67 -5.97 -19.04
S SO4 H . 20.86 -17.39 6.02
O1 SO4 H . 22.19 -16.93 6.40
O2 SO4 H . 20.50 -16.85 4.71
O3 SO4 H . 20.85 -18.85 5.96
O4 SO4 H . 19.88 -16.94 7.01
S SO4 I . 1.39 0.89 -9.86
O1 SO4 I . 0.04 0.88 -10.43
O2 SO4 I . 2.08 2.12 -10.24
O3 SO4 I . 2.15 -0.25 -10.37
O4 SO4 I . 1.31 0.80 -8.40
S SO4 J . 37.11 -3.11 -19.30
O1 SO4 J . 38.47 -2.80 -19.75
O2 SO4 J . 36.16 -2.68 -20.32
O3 SO4 J . 36.97 -4.55 -19.09
O4 SO4 J . 36.84 -2.40 -18.05
S SO4 K . 11.46 23.85 -13.16
O1 SO4 K . 11.89 25.08 -13.83
O2 SO4 K . 11.87 22.70 -13.95
O3 SO4 K . 10.01 23.85 -13.01
O4 SO4 K . 12.08 23.78 -11.84
C1 GOL L . 24.09 -12.36 -5.71
O1 GOL L . 24.52 -12.57 -4.39
C2 GOL L . 24.79 -11.12 -6.28
O2 GOL L . 24.32 -10.00 -5.58
C3 GOL L . 24.50 -10.89 -7.76
O3 GOL L . 25.08 -9.67 -8.15
C1 GOL M . 29.15 -13.43 -7.12
O1 GOL M . 29.63 -14.27 -6.10
C2 GOL M . 29.67 -12.02 -6.84
O2 GOL M . 29.11 -11.60 -5.63
C3 GOL M . 29.26 -11.03 -7.94
O3 GOL M . 29.77 -9.77 -7.61
C24 OLC N . 33.78 5.43 10.16
C21 OLC N . 31.93 4.23 11.40
C1 OLC N . 30.26 2.80 12.32
C22 OLC N . 33.35 4.13 10.86
O19 OLC N . 30.39 2.96 13.48
O25 OLC N . 33.05 5.63 8.99
O23 OLC N . 34.22 3.87 11.94
O20 OLC N . 31.36 2.95 11.48
C24 OLC O . 26.76 18.51 0.12
C21 OLC O . 25.56 16.43 0.85
C1 OLC O . 24.34 16.77 2.86
C22 OLC O . 26.76 16.98 0.07
O19 OLC O . 24.15 15.60 2.91
O25 OLC O . 27.96 19.00 -0.40
O23 OLC O . 27.95 16.48 0.59
O20 OLC O . 25.18 17.32 1.87
C24 OLC P . 23.76 -8.84 13.12
C21 OLC P . 21.35 -8.27 12.74
C1 OLC P . 20.12 -6.93 14.24
C22 OLC P . 22.41 -9.38 12.68
O19 OLC P . 19.40 -6.69 13.33
O25 OLC P . 24.80 -9.58 12.55
O23 OLC P . 22.02 -10.46 13.49
O20 OLC P . 21.19 -7.81 14.06
C10 GMJ Q . -5.29 -14.20 -1.32
C11 GMJ Q . -4.48 -13.16 -2.07
C01 GMJ Q . -8.60 -14.44 0.89
C02 GMJ Q . -9.60 -14.99 1.68
C03 GMJ Q . -9.56 -14.83 3.06
C04 GMJ Q . -8.52 -14.12 3.64
C05 GMJ Q . -7.53 -13.56 2.84
C06 GMJ Q . -7.58 -13.72 1.46
C07 GMJ Q . -6.50 -13.13 0.56
C09 GMJ Q . -5.30 -13.98 0.18
C13 GMJ Q . -3.19 -14.67 -2.90
C14 GMJ Q . -1.77 -14.17 -2.76
C15 GMJ Q . -1.31 -13.34 -3.88
C16 GMJ Q . -2.38 -12.92 -4.75
C17 GMJ Q . -3.63 -12.51 -3.98
C18 GMJ Q . -0.26 -14.22 -4.74
C19 GMJ Q . -0.46 -15.58 -4.89
C20 GMJ Q . 0.43 -16.34 -5.62
C21 GMJ Q . 1.53 -15.73 -6.21
C22 GMJ Q . 1.74 -14.37 -6.05
C23 GMJ Q . 0.84 -13.61 -5.32
F26 GMJ Q . -10.54 -15.38 3.84
N12 GMJ Q . -4.14 -13.59 -3.13
O08 GMJ Q . -6.57 -12.02 0.14
O25 GMJ Q . -0.67 -12.20 -3.38
CL1 GMJ Q . 2.69 -16.71 -7.16
S SO4 R . -25.93 -12.96 7.30
O1 SO4 R . -26.87 -12.06 6.66
O2 SO4 R . -24.83 -13.26 6.39
O3 SO4 R . -26.60 -14.20 7.67
O4 SO4 R . -25.39 -12.31 8.50
S SO4 S . -26.10 -6.28 2.38
O1 SO4 S . -24.78 -5.99 1.84
O2 SO4 S . -27.07 -5.38 1.77
O3 SO4 S . -26.47 -7.66 2.07
O4 SO4 S . -26.11 -6.09 3.82
S SO4 T . -4.22 -33.80 -1.39
O1 SO4 T . -3.98 -35.14 -1.92
O2 SO4 T . -4.40 -32.86 -2.49
O3 SO4 T . -3.08 -33.39 -0.57
O4 SO4 T . -5.42 -33.82 -0.56
S SO4 U . -11.94 -11.97 -21.73
O1 SO4 U . -10.72 -11.77 -20.94
O2 SO4 U . -11.78 -11.34 -23.04
O3 SO4 U . -12.15 -13.41 -21.90
O4 SO4 U . -13.07 -11.39 -21.03
C1 GOL V . -22.75 -12.90 -8.47
O1 GOL V . -22.69 -12.03 -7.37
C2 GOL V . -21.34 -13.37 -8.79
O2 GOL V . -20.51 -12.23 -8.86
C3 GOL V . -21.23 -14.10 -10.12
O3 GOL V . -19.88 -14.28 -10.43
C10 GMJ W . -8.19 15.19 -2.62
C11 GMJ W . -7.98 13.81 -3.25
C01 GMJ W . -9.19 17.65 1.33
C02 GMJ W . -9.05 18.96 1.79
C03 GMJ W . -8.11 19.79 1.21
C04 GMJ W . -7.30 19.33 0.19
C05 GMJ W . -7.43 18.03 -0.27
C06 GMJ W . -8.38 17.19 0.31
C07 GMJ W . -8.52 15.76 -0.19
C09 GMJ W . -7.54 15.24 -1.24
C13 GMJ W . -9.70 12.54 -3.32
C14 GMJ W . -10.73 11.92 -4.26
C15 GMJ W . -10.07 11.42 -5.47
C16 GMJ W . -9.43 12.50 -6.17
C17 GMJ W . -8.41 13.22 -5.28
C18 GMJ W . -11.17 10.73 -6.45
C19 GMJ W . -11.93 11.51 -7.31
C20 GMJ W . -12.87 10.90 -8.14
C21 GMJ W . -13.03 9.54 -8.11
C22 GMJ W . -12.27 8.76 -7.25
C23 GMJ W . -11.34 9.36 -6.42
F26 GMJ W . -7.98 21.07 1.67
N12 GMJ W . -8.91 13.56 -3.95
O08 GMJ W . -9.37 15.06 0.24
O25 GMJ W . -9.12 10.47 -5.11
CL1 GMJ W . -14.23 8.76 -9.18
S SO4 X . 0.35 31.43 6.82
O1 SO4 X . 1.77 31.33 6.50
O2 SO4 X . -0.37 31.91 5.63
O3 SO4 X . -0.17 30.13 7.21
O4 SO4 X . 0.16 32.38 7.93
S SO4 Y . -27.29 23.20 -5.32
O1 SO4 Y . -26.68 22.71 -6.56
O2 SO4 Y . -28.49 23.98 -5.64
O3 SO4 Y . -27.64 22.08 -4.48
O4 SO4 Y . -26.33 24.07 -4.62
S SO4 Z . 7.09 29.59 3.61
O1 SO4 Z . 8.41 29.78 3.00
O2 SO4 Z . 6.06 30.10 2.71
O3 SO4 Z . 6.87 28.17 3.86
O4 SO4 Z . 7.03 30.34 4.87
S SO4 AA . -0.87 19.10 -22.23
O1 SO4 AA . -0.24 18.96 -23.54
O2 SO4 AA . -0.91 20.50 -21.85
O3 SO4 AA . -0.10 18.35 -21.24
O4 SO4 AA . -2.23 18.57 -22.28
C1 GOL BA . 1.29 27.90 -9.37
O1 GOL BA . 1.34 28.06 -7.98
C2 GOL BA . -0.12 27.46 -9.77
O2 GOL BA . -0.53 26.41 -8.94
C3 GOL BA . -0.16 26.93 -11.21
O3 GOL BA . -1.19 25.99 -11.32
C1 GOL CA . 1.18 31.26 -8.08
O1 GOL CA . 2.43 30.66 -7.88
C2 GOL CA . 1.08 31.76 -9.52
O2 GOL CA . 1.26 33.15 -9.52
C3 GOL CA . -0.30 31.48 -10.13
O3 GOL CA . -0.39 32.16 -11.36
C24 OLC DA . -24.15 15.53 -0.54
C21 OLC DA . -23.70 13.71 1.12
C1 OLC DA . -23.51 12.27 2.98
C22 OLC DA . -23.30 15.11 0.67
O19 OLC DA . -24.59 11.86 2.71
O25 OLC DA . -23.94 14.62 -1.58
O23 OLC DA . -23.53 16.02 1.71
O20 OLC DA . -23.01 13.39 2.30
C24 OLC EA . -21.20 19.23 6.66
C2 OLC EA . -17.03 18.17 11.17
C21 OLC EA . -19.66 19.10 8.66
C1 OLC EA . -18.14 18.93 10.46
C22 OLC EA . -19.76 19.01 7.13
O19 OLC EA . -18.81 19.70 11.06
O25 OLC EA . -21.15 19.31 5.27
O23 OLC EA . -18.89 19.94 6.55
O20 OLC EA . -18.39 18.70 9.09
C24 OLC FA . -19.92 25.41 7.44
C2 OLC FA . -19.07 25.13 13.30
C21 OLC FA . -20.01 25.99 9.87
C1 OLC FA . -19.66 26.00 12.21
C22 OLC FA . -20.69 25.22 8.73
O19 OLC FA . -19.58 27.19 12.28
O25 OLC FA . -20.72 25.09 6.34
O23 OLC FA . -20.74 23.87 9.07
O20 OLC FA . -20.31 25.42 11.10
C24 OLC GA . -17.76 29.32 6.21
C2 OLC GA . -14.47 26.52 10.68
C21 OLC GA . -16.14 28.48 7.92
C1 OLC GA . -14.80 27.61 9.65
C22 OLC GA . -17.42 28.16 7.14
O19 OLC GA . -14.32 28.68 9.76
O25 OLC GA . -18.91 29.03 5.47
O23 OLC GA . -17.22 26.99 6.39
O20 OLC GA . -15.69 27.35 8.59
#